data_5D6C
#
_entry.id   5D6C
#
_cell.length_a   63.707
_cell.length_b   111.471
_cell.length_c   158.412
_cell.angle_alpha   90.00
_cell.angle_beta   90.00
_cell.angle_gamma   90.00
#
_symmetry.space_group_name_H-M   'P 21 21 21'
#
loop_
_entity.id
_entity.type
_entity.pdbx_description
1 polymer '4497 antibody IgK (VL and CL)'
2 polymer '4497 antibody IgG1 (VH and CH1)'
3 non-polymer 'CALCIUM ION'
4 non-polymer 4-O-[2-acetamido-2-deoxy-beta-D-glucopyranosyl]-5-O-phosphono-D-ribitol
5 non-polymer 'ACETATE ION'
6 non-polymer GLYCEROL
7 water water
#
loop_
_entity_poly.entity_id
_entity_poly.type
_entity_poly.pdbx_seq_one_letter_code
_entity_poly.pdbx_strand_id
1 'polypeptide(L)'
;DIQLTQSPDSLAVSLGERATINCKSSQSIFRTSRNKNLLNWYQQRPGQPPRLLIHWASTRKSGVPDRFSGSGFGTDFTLT
ITSLQAEDVAIYYCQQYFSPPYTFGQGTKLEIKRTVAAPSVFIFPPSDEQLKSGTASVVCLLNNFYPREAKVQWKVDNAL
QSGNSQESVTEQDSKDSTYSLSSTLTLSKADYEKHKVYACEVTHQGLSSPVTKSFNRGEC
;
A,L
2 'polypeptide(L)'
;EVQLVESGGGLVQPGGSLRLSCSASGFSFNSFWMHWVRQVPGKGLVWISFTNNEGTTTAYADSVRGRFIISRDNAKNTLY
LEMNNLRGEDTAVYYCARGDGGLDDWGQGTLVTVSSASTKGPSVFPLAPSSKSTSGGTAALGCLVKDYFPEPVTVSWNSG
ALTSGVHTFPAVLQSSGLYSLSSVVTVPSSSLGTQTYICNVNHKPSNTKVDKKVEPKSCDKTHT
;
B,H
#
loop_
_chem_comp.id
_chem_comp.type
_chem_comp.name
_chem_comp.formula
57S D-saccharide 4-O-[2-acetamido-2-deoxy-beta-D-glucopyranosyl]-5-O-phosphono-D-ribitol 'C13 H26 N O13 P'
ACT non-polymer 'ACETATE ION' 'C2 H3 O2 -1'
CA non-polymer 'CALCIUM ION' 'Ca 2'
GOL non-polymer GLYCEROL 'C3 H8 O3'
#
# COMPACT_ATOMS: atom_id res chain seq x y z
N ASP A 1 -32.17 -17.08 0.23
CA ASP A 1 -30.85 -16.99 0.86
C ASP A 1 -30.26 -15.60 0.69
N ILE A 2 -29.63 -15.11 1.76
CA ILE A 2 -28.99 -13.79 1.76
C ILE A 2 -27.62 -13.94 1.11
N GLN A 3 -27.35 -13.12 0.08
CA GLN A 3 -26.06 -13.09 -0.60
C GLN A 3 -25.28 -11.87 -0.07
N LEU A 4 -23.98 -12.07 0.23
CA LEU A 4 -23.09 -11.00 0.68
C LEU A 4 -22.06 -10.84 -0.42
N THR A 5 -21.95 -9.60 -0.96
CA THR A 5 -20.99 -9.29 -2.03
C THR A 5 -19.96 -8.31 -1.47
N GLN A 6 -18.70 -8.73 -1.44
CA GLN A 6 -17.63 -7.86 -0.97
C GLN A 6 -17.03 -7.10 -2.11
N SER A 7 -16.47 -5.94 -1.80
CA SER A 7 -15.76 -5.16 -2.80
C SER A 7 -14.60 -4.45 -2.12
N PRO A 8 -13.38 -4.53 -2.71
CA PRO A 8 -13.05 -5.20 -3.98
C PRO A 8 -12.72 -6.67 -3.71
N ASP A 9 -12.39 -7.47 -4.74
CA ASP A 9 -11.94 -8.87 -4.53
C ASP A 9 -10.50 -8.86 -3.99
N SER A 10 -9.67 -7.90 -4.47
CA SER A 10 -8.28 -7.79 -4.04
C SER A 10 -7.94 -6.33 -3.85
N LEU A 11 -7.08 -6.04 -2.89
CA LEU A 11 -6.74 -4.66 -2.53
C LEU A 11 -5.29 -4.57 -2.09
N ALA A 12 -4.52 -3.62 -2.69
CA ALA A 12 -3.12 -3.40 -2.34
C ALA A 12 -3.03 -2.00 -1.69
N VAL A 13 -2.74 -1.97 -0.39
CA VAL A 13 -2.66 -0.71 0.35
C VAL A 13 -1.30 -0.63 1.02
N SER A 14 -0.74 0.59 1.11
CA SER A 14 0.57 0.82 1.71
C SER A 14 0.62 0.67 3.21
N LEU A 15 1.81 0.30 3.73
CA LEU A 15 2.06 0.22 5.17
C LEU A 15 1.78 1.58 5.80
N GLY A 16 1.10 1.58 6.94
CA GLY A 16 0.73 2.77 7.70
C GLY A 16 -0.47 3.52 7.19
N GLU A 17 -1.01 3.09 6.02
CA GLU A 17 -2.19 3.73 5.42
C GLU A 17 -3.51 3.03 5.87
N ARG A 18 -4.63 3.50 5.36
CA ARG A 18 -5.97 3.01 5.75
C ARG A 18 -6.52 2.09 4.67
N ALA A 19 -7.04 0.92 5.08
CA ALA A 19 -7.69 0.02 4.12
C ALA A 19 -9.20 0.11 4.32
N THR A 20 -9.95 0.17 3.22
CA THR A 20 -11.42 0.23 3.24
C THR A 20 -11.97 -0.97 2.45
N ILE A 21 -12.72 -1.85 3.14
CA ILE A 21 -13.29 -3.04 2.50
C ILE A 21 -14.81 -3.00 2.66
N ASN A 22 -15.56 -3.12 1.56
CA ASN A 22 -17.05 -3.08 1.57
C ASN A 22 -17.72 -4.45 1.59
N CYS A 23 -18.89 -4.53 2.25
CA CYS A 23 -19.71 -5.75 2.22
C CYS A 23 -21.15 -5.29 2.04
N LYS A 24 -21.79 -5.73 0.97
CA LYS A 24 -23.20 -5.42 0.71
C LYS A 24 -24.06 -6.68 0.82
N SER A 25 -25.13 -6.66 1.68
CA SER A 25 -26.06 -7.80 1.83
C SER A 25 -27.28 -7.57 0.94
N SER A 26 -27.82 -8.67 0.32
CA SER A 26 -28.95 -8.64 -0.62
C SER A 26 -30.28 -8.16 0.01
N GLN A 27 -30.34 -8.17 1.35
CA GLN A 27 -31.48 -7.76 2.17
C GLN A 27 -31.00 -7.35 3.55
N SER A 28 -31.83 -6.62 4.31
CA SER A 28 -31.49 -6.12 5.64
C SER A 28 -31.14 -7.23 6.64
N ILE A 29 -30.16 -6.96 7.50
CA ILE A 29 -29.70 -7.89 8.53
C ILE A 29 -29.72 -7.23 9.90
N PHE A 30 -30.60 -6.20 10.06
CA PHE A 30 -30.78 -5.51 11.33
C PHE A 30 -31.89 -6.25 12.09
N ARG A 31 -31.57 -6.80 13.28
CA ARG A 31 -32.54 -7.49 14.14
C ARG A 31 -33.04 -6.45 15.14
N THR A 32 -34.16 -5.81 14.83
CA THR A 32 -34.77 -4.74 15.66
C THR A 32 -34.83 -5.08 17.17
N SER A 33 -35.36 -6.26 17.53
CA SER A 33 -35.50 -6.70 18.92
C SER A 33 -34.20 -6.70 19.72
N ARG A 34 -33.05 -6.88 19.04
CA ARG A 34 -31.72 -6.87 19.65
C ARG A 34 -31.03 -5.53 19.34
N ASN A 35 -31.60 -4.76 18.39
CA ASN A 35 -31.13 -3.45 17.89
C ASN A 35 -29.74 -3.58 17.23
N LYS A 36 -29.35 -4.81 16.87
CA LYS A 36 -28.05 -5.13 16.28
C LYS A 36 -28.14 -5.49 14.80
N ASN A 37 -27.11 -5.09 14.01
CA ASN A 37 -26.97 -5.49 12.60
C ASN A 37 -26.12 -6.76 12.73
N LEU A 38 -26.64 -7.88 12.23
CA LEU A 38 -25.98 -9.16 12.45
C LEU A 38 -24.96 -9.50 11.36
N LEU A 39 -23.83 -8.76 11.40
CA LEU A 39 -22.72 -8.92 10.47
C LEU A 39 -21.41 -9.16 11.21
N ASN A 40 -20.65 -10.17 10.78
CA ASN A 40 -19.36 -10.54 11.35
C ASN A 40 -18.25 -10.28 10.33
N TRP A 41 -17.04 -10.01 10.82
CA TRP A 41 -15.83 -9.79 10.00
C TRP A 41 -14.76 -10.69 10.51
N TYR A 42 -14.08 -11.41 9.57
CA TYR A 42 -13.03 -12.35 9.92
C TYR A 42 -11.77 -11.99 9.16
N GLN A 43 -10.64 -12.31 9.76
CA GLN A 43 -9.33 -12.18 9.13
C GLN A 43 -8.83 -13.62 9.01
N GLN A 44 -8.39 -14.02 7.83
CA GLN A 44 -7.81 -15.36 7.72
C GLN A 44 -6.41 -15.17 7.15
N ARG A 45 -5.42 -15.25 8.02
CA ARG A 45 -4.01 -15.09 7.68
C ARG A 45 -3.56 -16.31 6.89
N PRO A 46 -2.45 -16.22 6.13
CA PRO A 46 -1.98 -17.40 5.37
C PRO A 46 -1.75 -18.65 6.23
N GLY A 47 -2.38 -19.77 5.84
CA GLY A 47 -2.27 -21.08 6.48
C GLY A 47 -2.92 -21.26 7.84
N GLN A 48 -3.76 -20.31 8.26
CA GLN A 48 -4.38 -20.32 9.57
C GLN A 48 -5.91 -20.41 9.55
N PRO A 49 -6.58 -20.80 10.68
CA PRO A 49 -8.04 -20.74 10.69
C PRO A 49 -8.51 -19.26 10.71
N PRO A 50 -9.76 -18.94 10.28
CA PRO A 50 -10.22 -17.54 10.38
C PRO A 50 -10.23 -17.08 11.84
N ARG A 51 -10.11 -15.77 12.03
CA ARG A 51 -10.12 -15.14 13.35
C ARG A 51 -11.27 -14.14 13.36
N LEU A 52 -12.18 -14.23 14.36
CA LEU A 52 -13.29 -13.27 14.40
C LEU A 52 -12.74 -11.92 14.84
N LEU A 53 -13.02 -10.88 14.08
CA LEU A 53 -12.56 -9.51 14.39
C LEU A 53 -13.66 -8.75 15.07
N ILE A 54 -14.81 -8.66 14.37
CA ILE A 54 -15.98 -7.87 14.75
C ILE A 54 -17.26 -8.67 14.61
N HIS A 55 -18.21 -8.46 15.54
CA HIS A 55 -19.55 -9.06 15.47
C HIS A 55 -20.59 -7.96 15.68
N TRP A 56 -21.87 -8.21 15.36
CA TRP A 56 -22.93 -7.19 15.44
C TRP A 56 -22.53 -5.90 14.66
N ALA A 57 -21.85 -6.06 13.50
CA ALA A 57 -21.35 -5.04 12.57
C ALA A 57 -20.27 -4.06 13.10
N SER A 58 -20.33 -3.67 14.39
CA SER A 58 -19.39 -2.67 14.93
C SER A 58 -18.75 -3.06 16.25
N THR A 59 -19.14 -4.20 16.81
CA THR A 59 -18.59 -4.61 18.09
C THR A 59 -17.32 -5.45 17.87
N ARG A 60 -16.18 -4.85 18.22
CA ARG A 60 -14.88 -5.46 18.08
C ARG A 60 -14.64 -6.47 19.19
N LYS A 61 -14.17 -7.68 18.82
CA LYS A 61 -13.87 -8.76 19.76
C LYS A 61 -12.69 -8.38 20.62
N SER A 62 -12.72 -8.76 21.91
CA SER A 62 -11.66 -8.48 22.88
C SER A 62 -10.35 -9.09 22.37
N GLY A 63 -9.27 -8.33 22.45
CA GLY A 63 -7.94 -8.74 21.97
C GLY A 63 -7.62 -8.33 20.54
N VAL A 64 -8.61 -7.80 19.81
CA VAL A 64 -8.44 -7.34 18.43
C VAL A 64 -7.99 -5.86 18.48
N PRO A 65 -6.92 -5.48 17.74
CA PRO A 65 -6.46 -4.07 17.78
C PRO A 65 -7.53 -3.04 17.43
N ASP A 66 -7.50 -1.85 18.07
CA ASP A 66 -8.46 -0.77 17.79
C ASP A 66 -8.31 -0.23 16.36
N ARG A 67 -7.25 -0.67 15.64
CA ARG A 67 -6.99 -0.34 14.23
C ARG A 67 -8.10 -0.94 13.32
N PHE A 68 -8.81 -1.98 13.80
CA PHE A 68 -9.89 -2.65 13.05
C PHE A 68 -11.20 -2.11 13.54
N SER A 69 -12.03 -1.63 12.63
CA SER A 69 -13.34 -1.16 13.05
C SER A 69 -14.39 -1.46 12.00
N GLY A 70 -15.58 -1.78 12.46
CA GLY A 70 -16.70 -2.06 11.57
C GLY A 70 -17.74 -0.97 11.66
N SER A 71 -18.37 -0.66 10.52
CA SER A 71 -19.43 0.34 10.43
C SER A 71 -20.46 -0.08 9.38
N GLY A 72 -21.52 0.71 9.26
CA GLY A 72 -22.59 0.50 8.29
C GLY A 72 -23.94 0.17 8.93
N PHE A 73 -24.99 0.09 8.08
CA PHE A 73 -26.35 -0.21 8.51
C PHE A 73 -27.20 -0.84 7.41
N GLY A 74 -28.04 -1.79 7.81
CA GLY A 74 -29.00 -2.47 6.94
C GLY A 74 -28.39 -3.38 5.90
N THR A 75 -28.04 -2.80 4.71
CA THR A 75 -27.46 -3.55 3.59
C THR A 75 -26.00 -3.15 3.20
N ASP A 76 -25.48 -2.00 3.67
CA ASP A 76 -24.12 -1.54 3.33
C ASP A 76 -23.20 -1.47 4.55
N PHE A 77 -22.16 -2.33 4.55
CA PHE A 77 -21.22 -2.46 5.67
C PHE A 77 -19.78 -2.22 5.24
N THR A 78 -18.92 -1.86 6.20
CA THR A 78 -17.52 -1.52 5.93
C THR A 78 -16.60 -2.01 7.00
N LEU A 79 -15.43 -2.56 6.61
CA LEU A 79 -14.39 -2.89 7.54
C LEU A 79 -13.26 -1.89 7.24
N THR A 80 -12.79 -1.20 8.28
CA THR A 80 -11.70 -0.22 8.15
C THR A 80 -10.52 -0.69 8.93
N ILE A 81 -9.34 -0.63 8.33
CA ILE A 81 -8.12 -0.98 9.02
C ILE A 81 -7.23 0.27 8.93
N THR A 82 -6.91 0.88 10.08
CA THR A 82 -6.03 2.06 10.05
C THR A 82 -4.62 1.61 10.34
N SER A 83 -3.62 2.47 10.03
CA SER A 83 -2.18 2.22 10.21
C SER A 83 -1.85 0.77 9.93
N LEU A 84 -2.06 0.39 8.67
CA LEU A 84 -1.83 -0.96 8.17
C LEU A 84 -0.44 -1.45 8.56
N GLN A 85 -0.40 -2.66 9.12
CA GLN A 85 0.83 -3.31 9.57
C GLN A 85 1.10 -4.52 8.70
N ALA A 86 2.35 -4.95 8.63
CA ALA A 86 2.77 -6.12 7.85
C ALA A 86 1.96 -7.38 8.19
N GLU A 87 1.64 -7.60 9.49
CA GLU A 87 0.89 -8.76 9.97
C GLU A 87 -0.61 -8.76 9.57
N ASP A 88 -1.08 -7.67 8.93
CA ASP A 88 -2.46 -7.54 8.47
C ASP A 88 -2.70 -8.26 7.14
N VAL A 89 -1.63 -8.75 6.49
CA VAL A 89 -1.75 -9.52 5.23
C VAL A 89 -2.64 -10.75 5.53
N ALA A 90 -3.76 -10.82 4.86
CA ALA A 90 -4.78 -11.85 5.05
C ALA A 90 -5.87 -11.69 4.02
N ILE A 91 -6.84 -12.64 4.02
CA ILE A 91 -8.05 -12.51 3.24
C ILE A 91 -9.12 -12.17 4.31
N TYR A 92 -9.93 -11.16 4.06
CA TYR A 92 -10.97 -10.72 5.00
C TYR A 92 -12.34 -11.09 4.50
N TYR A 93 -13.16 -11.68 5.38
CA TYR A 93 -14.51 -12.10 5.00
C TYR A 93 -15.56 -11.47 5.89
N CYS A 94 -16.69 -11.10 5.31
CA CYS A 94 -17.90 -10.71 6.03
C CYS A 94 -18.84 -11.92 6.00
N GLN A 95 -19.76 -11.99 6.97
CA GLN A 95 -20.70 -13.11 7.10
C GLN A 95 -21.94 -12.56 7.80
N GLN A 96 -23.12 -12.97 7.37
CA GLN A 96 -24.36 -12.57 8.06
C GLN A 96 -24.76 -13.67 9.04
N TYR A 97 -25.18 -13.28 10.23
CA TYR A 97 -25.61 -14.21 11.29
C TYR A 97 -27.11 -13.94 11.56
N PHE A 98 -27.84 -13.55 10.52
CA PHE A 98 -29.25 -13.14 10.58
C PHE A 98 -30.23 -14.29 10.36
N SER A 99 -30.11 -14.98 9.22
CA SER A 99 -30.97 -16.13 8.92
C SER A 99 -30.23 -17.22 8.18
N PRO A 100 -30.44 -18.51 8.53
CA PRO A 100 -29.72 -19.58 7.85
C PRO A 100 -30.07 -19.71 6.37
N PRO A 101 -29.14 -20.09 5.47
CA PRO A 101 -27.70 -20.37 5.69
C PRO A 101 -26.94 -19.08 6.03
N TYR A 102 -26.10 -19.12 7.08
CA TYR A 102 -25.32 -17.97 7.60
C TYR A 102 -24.11 -17.74 6.66
N THR A 103 -24.44 -17.20 5.52
CA THR A 103 -23.57 -17.01 4.36
C THR A 103 -22.42 -16.03 4.56
N PHE A 104 -21.32 -16.32 3.86
CA PHE A 104 -20.13 -15.48 3.84
C PHE A 104 -20.06 -14.73 2.55
N GLY A 105 -19.36 -13.60 2.58
CA GLY A 105 -19.00 -12.90 1.36
C GLY A 105 -17.83 -13.68 0.74
N GLN A 106 -17.42 -13.32 -0.48
CA GLN A 106 -16.44 -14.07 -1.26
C GLN A 106 -15.00 -13.83 -0.82
N GLY A 107 -14.80 -12.88 0.09
CA GLY A 107 -13.48 -12.54 0.60
C GLY A 107 -12.79 -11.43 -0.18
N THR A 108 -11.96 -10.67 0.54
CA THR A 108 -11.15 -9.59 -0.04
C THR A 108 -9.72 -9.89 0.36
N LYS A 109 -8.84 -10.13 -0.62
CA LYS A 109 -7.44 -10.44 -0.32
C LYS A 109 -6.67 -9.11 -0.20
N LEU A 110 -6.10 -8.88 0.97
CA LEU A 110 -5.35 -7.68 1.26
C LEU A 110 -3.84 -7.90 1.10
N GLU A 111 -3.26 -7.11 0.18
CA GLU A 111 -1.83 -7.11 -0.11
C GLU A 111 -1.27 -5.87 0.53
N ILE A 112 -0.14 -6.01 1.23
CA ILE A 112 0.54 -4.90 1.90
C ILE A 112 1.55 -4.34 0.90
N LYS A 113 1.37 -3.08 0.46
CA LYS A 113 2.29 -2.46 -0.49
C LYS A 113 3.52 -1.95 0.28
N ARG A 114 4.70 -2.46 -0.12
CA ARG A 114 6.04 -2.28 0.46
CA ARG A 114 5.96 -2.06 0.51
C ARG A 114 6.93 -1.63 -0.59
N THR A 115 8.16 -1.25 -0.20
CA THR A 115 9.16 -0.77 -1.16
C THR A 115 9.61 -1.94 -2.05
N VAL A 116 10.16 -1.63 -3.23
CA VAL A 116 10.66 -2.67 -4.12
C VAL A 116 11.85 -3.42 -3.47
N ALA A 117 11.86 -4.76 -3.60
CA ALA A 117 12.95 -5.59 -3.09
C ALA A 117 13.25 -6.61 -4.16
N ALA A 118 14.49 -6.61 -4.64
CA ALA A 118 14.90 -7.55 -5.69
C ALA A 118 15.05 -8.97 -5.13
N PRO A 119 14.80 -10.00 -5.95
CA PRO A 119 15.03 -11.37 -5.45
C PRO A 119 16.51 -11.72 -5.41
N SER A 120 16.87 -12.60 -4.45
CA SER A 120 18.12 -13.33 -4.30
C SER A 120 17.82 -14.61 -5.10
N VAL A 121 18.64 -14.94 -6.12
CA VAL A 121 18.40 -16.09 -6.99
C VAL A 121 19.38 -17.25 -6.71
N PHE A 122 18.84 -18.48 -6.62
CA PHE A 122 19.61 -19.72 -6.38
C PHE A 122 19.16 -20.84 -7.31
N ILE A 123 20.13 -21.64 -7.80
CA ILE A 123 19.83 -22.78 -8.67
C ILE A 123 20.26 -24.10 -7.97
N PHE A 124 19.43 -25.15 -8.12
CA PHE A 124 19.72 -26.47 -7.55
C PHE A 124 19.66 -27.52 -8.64
N PRO A 125 20.76 -28.29 -8.78
CA PRO A 125 20.74 -29.38 -9.75
C PRO A 125 19.92 -30.57 -9.23
N PRO A 126 19.48 -31.53 -10.08
CA PRO A 126 18.79 -32.72 -9.52
C PRO A 126 19.76 -33.54 -8.68
N SER A 127 19.27 -34.16 -7.60
CA SER A 127 20.08 -35.01 -6.72
C SER A 127 20.43 -36.30 -7.46
N ASP A 128 21.50 -36.98 -7.02
CA ASP A 128 21.92 -38.25 -7.62
C ASP A 128 20.85 -39.32 -7.38
N GLU A 129 20.27 -39.33 -6.14
CA GLU A 129 19.22 -40.27 -5.75
CA GLU A 129 19.21 -40.26 -5.74
C GLU A 129 18.02 -40.18 -6.71
N GLN A 130 17.56 -38.95 -7.02
CA GLN A 130 16.44 -38.78 -7.97
C GLN A 130 16.84 -39.26 -9.36
N LEU A 131 18.02 -38.85 -9.84
CA LEU A 131 18.51 -39.23 -11.16
C LEU A 131 18.51 -40.74 -11.41
N LYS A 132 18.73 -41.55 -10.36
CA LYS A 132 18.67 -43.01 -10.40
C LYS A 132 17.27 -43.50 -10.78
N SER A 133 16.23 -42.76 -10.32
CA SER A 133 14.81 -43.05 -10.55
C SER A 133 14.29 -42.71 -11.95
N GLY A 134 15.09 -42.03 -12.78
CA GLY A 134 14.72 -41.72 -14.15
C GLY A 134 14.19 -40.33 -14.47
N THR A 135 14.12 -39.45 -13.46
CA THR A 135 13.64 -38.08 -13.62
C THR A 135 14.64 -37.12 -13.00
N ALA A 136 14.71 -35.90 -13.57
CA ALA A 136 15.57 -34.83 -13.07
C ALA A 136 14.71 -33.59 -12.80
N SER A 137 14.71 -33.12 -11.54
CA SER A 137 14.01 -31.88 -11.18
C SER A 137 15.09 -30.85 -10.93
N VAL A 138 15.07 -29.76 -11.70
CA VAL A 138 16.02 -28.65 -11.59
C VAL A 138 15.21 -27.52 -10.93
N VAL A 139 15.66 -27.01 -9.77
CA VAL A 139 14.93 -26.00 -9.01
C VAL A 139 15.60 -24.62 -9.03
N CYS A 140 14.80 -23.57 -9.32
CA CYS A 140 15.27 -22.20 -9.26
C CYS A 140 14.49 -21.49 -8.17
N LEU A 141 15.19 -20.89 -7.22
CA LEU A 141 14.59 -20.18 -6.10
C LEU A 141 14.76 -18.66 -6.25
N LEU A 142 13.67 -17.90 -6.05
CA LEU A 142 13.69 -16.43 -6.05
C LEU A 142 13.27 -16.09 -4.63
N ASN A 143 14.20 -15.61 -3.82
CA ASN A 143 13.95 -15.36 -2.42
C ASN A 143 13.70 -13.90 -2.06
N ASN A 144 12.66 -13.67 -1.25
CA ASN A 144 12.27 -12.40 -0.62
C ASN A 144 12.27 -11.18 -1.55
N PHE A 145 11.30 -11.14 -2.45
CA PHE A 145 11.17 -10.05 -3.41
C PHE A 145 9.80 -9.35 -3.31
N TYR A 146 9.71 -8.15 -3.87
CA TYR A 146 8.47 -7.39 -3.93
C TYR A 146 8.59 -6.37 -5.06
N PRO A 147 7.58 -6.17 -5.93
CA PRO A 147 6.25 -6.83 -5.99
C PRO A 147 6.28 -8.28 -6.50
N ARG A 148 5.08 -8.93 -6.52
CA ARG A 148 4.87 -10.32 -6.95
CA ARG A 148 4.91 -10.32 -6.95
C ARG A 148 5.41 -10.62 -8.37
N GLU A 149 5.19 -9.70 -9.32
CA GLU A 149 5.56 -9.86 -10.72
C GLU A 149 7.02 -10.21 -10.93
N ALA A 150 7.27 -11.37 -11.55
CA ALA A 150 8.62 -11.86 -11.84
C ALA A 150 8.55 -12.82 -13.00
N LYS A 151 9.54 -12.72 -13.89
CA LYS A 151 9.69 -13.58 -15.05
C LYS A 151 10.87 -14.55 -14.81
N VAL A 152 10.59 -15.86 -14.91
CA VAL A 152 11.60 -16.90 -14.73
C VAL A 152 11.69 -17.65 -16.04
N GLN A 153 12.88 -17.59 -16.68
CA GLN A 153 13.09 -18.26 -17.95
C GLN A 153 14.17 -19.30 -17.77
N TRP A 154 13.88 -20.53 -18.18
CA TRP A 154 14.83 -21.63 -18.11
C TRP A 154 15.57 -21.73 -19.45
N LYS A 155 16.89 -21.96 -19.38
CA LYS A 155 17.71 -22.11 -20.58
C LYS A 155 18.57 -23.34 -20.44
N VAL A 156 18.48 -24.24 -21.42
CA VAL A 156 19.25 -25.48 -21.44
C VAL A 156 20.15 -25.36 -22.68
N ASP A 157 21.46 -25.15 -22.48
CA ASP A 157 22.47 -24.91 -23.55
C ASP A 157 22.02 -23.70 -24.40
N ASN A 158 21.60 -22.62 -23.69
CA ASN A 158 21.11 -21.33 -24.22
C ASN A 158 19.78 -21.44 -24.98
N ALA A 159 19.20 -22.65 -25.07
CA ALA A 159 17.91 -22.88 -25.71
C ALA A 159 16.83 -22.62 -24.66
N LEU A 160 15.95 -21.64 -24.92
CA LEU A 160 14.88 -21.27 -24.00
C LEU A 160 13.82 -22.37 -23.90
N GLN A 161 13.49 -22.75 -22.65
CA GLN A 161 12.51 -23.78 -22.34
C GLN A 161 11.15 -23.16 -22.12
N SER A 162 10.09 -23.90 -22.50
CA SER A 162 8.68 -23.53 -22.33
C SER A 162 7.85 -24.80 -22.23
N GLY A 163 6.89 -24.81 -21.31
CA GLY A 163 5.96 -25.93 -21.10
C GLY A 163 6.45 -27.08 -20.25
N ASN A 164 7.70 -27.01 -19.73
CA ASN A 164 8.29 -28.08 -18.93
C ASN A 164 8.68 -27.62 -17.50
N SER A 165 8.14 -26.46 -17.06
CA SER A 165 8.39 -25.93 -15.73
C SER A 165 7.08 -25.54 -15.03
N GLN A 166 7.12 -25.49 -13.69
CA GLN A 166 5.97 -25.13 -12.86
C GLN A 166 6.49 -24.28 -11.72
N GLU A 167 5.72 -23.26 -11.36
CA GLU A 167 6.08 -22.33 -10.30
C GLU A 167 5.13 -22.44 -9.12
N SER A 168 5.63 -22.06 -7.96
CA SER A 168 4.88 -21.97 -6.72
C SER A 168 5.36 -20.71 -6.02
N VAL A 169 4.43 -19.94 -5.44
CA VAL A 169 4.81 -18.69 -4.77
C VAL A 169 4.25 -18.68 -3.36
N THR A 170 5.03 -18.17 -2.39
CA THR A 170 4.52 -18.12 -1.01
C THR A 170 3.56 -16.92 -0.90
N GLU A 171 2.78 -16.90 0.18
CA GLU A 171 1.92 -15.77 0.53
C GLU A 171 2.86 -14.71 1.06
N GLN A 172 2.45 -13.43 1.03
CA GLN A 172 3.30 -12.35 1.54
C GLN A 172 3.69 -12.62 2.97
N ASP A 173 4.99 -12.45 3.27
CA ASP A 173 5.53 -12.65 4.60
C ASP A 173 4.87 -11.69 5.59
N SER A 174 4.49 -12.19 6.77
CA SER A 174 3.82 -11.45 7.84
C SER A 174 4.73 -10.39 8.49
N LYS A 175 6.04 -10.44 8.24
CA LYS A 175 7.02 -9.51 8.83
C LYS A 175 7.66 -8.55 7.83
N ASP A 176 8.19 -9.06 6.71
CA ASP A 176 8.87 -8.19 5.73
C ASP A 176 8.04 -7.90 4.47
N SER A 177 6.81 -8.46 4.36
CA SER A 177 5.88 -8.23 3.25
C SER A 177 6.43 -8.66 1.88
N THR A 178 7.37 -9.63 1.85
CA THR A 178 7.92 -10.12 0.58
C THR A 178 7.32 -11.46 0.19
N TYR A 179 7.58 -11.87 -1.06
CA TYR A 179 7.21 -13.14 -1.65
C TYR A 179 8.47 -13.94 -1.93
N SER A 180 8.36 -15.28 -2.01
CA SER A 180 9.44 -16.14 -2.46
C SER A 180 8.80 -17.05 -3.49
N LEU A 181 9.56 -17.46 -4.50
CA LEU A 181 9.04 -18.24 -5.61
C LEU A 181 10.00 -19.38 -5.95
N SER A 182 9.44 -20.55 -6.28
CA SER A 182 10.25 -21.67 -6.77
C SER A 182 9.77 -22.03 -8.13
N SER A 183 10.69 -22.30 -9.05
CA SER A 183 10.36 -22.77 -10.38
C SER A 183 11.06 -24.12 -10.52
N THR A 184 10.32 -25.14 -10.95
CA THR A 184 10.91 -26.47 -11.13
C THR A 184 10.81 -26.88 -12.58
N LEU A 185 11.98 -27.14 -13.18
CA LEU A 185 12.11 -27.65 -14.53
C LEU A 185 12.21 -29.17 -14.38
N THR A 186 11.32 -29.89 -15.07
CA THR A 186 11.30 -31.36 -14.99
C THR A 186 11.60 -31.95 -16.36
N LEU A 187 12.60 -32.82 -16.39
CA LEU A 187 13.04 -33.50 -17.60
C LEU A 187 13.30 -34.96 -17.27
N SER A 188 13.29 -35.82 -18.30
CA SER A 188 13.66 -37.23 -18.13
C SER A 188 15.17 -37.27 -17.91
N LYS A 189 15.70 -38.33 -17.24
CA LYS A 189 17.14 -38.55 -17.00
C LYS A 189 17.90 -38.57 -18.32
N ALA A 190 17.26 -39.11 -19.39
CA ALA A 190 17.82 -39.20 -20.73
C ALA A 190 18.01 -37.80 -21.33
N ASP A 191 16.95 -36.95 -21.34
CA ASP A 191 17.02 -35.57 -21.85
C ASP A 191 17.98 -34.70 -21.04
N TYR A 192 18.04 -34.92 -19.71
CA TYR A 192 18.92 -34.19 -18.81
C TYR A 192 20.40 -34.47 -19.09
N GLU A 193 20.71 -35.71 -19.51
CA GLU A 193 22.08 -36.14 -19.78
C GLU A 193 22.59 -35.76 -21.19
N LYS A 194 21.68 -35.31 -22.07
CA LYS A 194 21.99 -34.88 -23.44
C LYS A 194 22.44 -33.40 -23.49
N HIS A 195 22.50 -32.72 -22.32
CA HIS A 195 22.83 -31.29 -22.23
C HIS A 195 23.78 -30.95 -21.07
N LYS A 196 24.44 -29.77 -21.17
CA LYS A 196 25.46 -29.33 -20.21
C LYS A 196 25.07 -28.12 -19.34
N VAL A 197 24.66 -26.99 -19.96
CA VAL A 197 24.40 -25.74 -19.25
C VAL A 197 22.91 -25.56 -18.89
N TYR A 198 22.62 -25.55 -17.59
CA TYR A 198 21.26 -25.36 -17.06
C TYR A 198 21.25 -24.01 -16.38
N ALA A 199 20.46 -23.08 -16.95
CA ALA A 199 20.38 -21.72 -16.47
C ALA A 199 18.97 -21.26 -16.14
N CYS A 200 18.85 -20.45 -15.10
CA CYS A 200 17.61 -19.80 -14.66
C CYS A 200 17.80 -18.28 -14.79
N GLU A 201 17.09 -17.62 -15.72
CA GLU A 201 17.16 -16.17 -15.91
C GLU A 201 15.96 -15.50 -15.25
N VAL A 202 16.22 -14.54 -14.35
CA VAL A 202 15.19 -13.81 -13.59
C VAL A 202 15.09 -12.32 -13.95
N THR A 203 13.86 -11.88 -14.30
CA THR A 203 13.49 -10.49 -14.60
C THR A 203 12.52 -10.06 -13.48
N HIS A 204 12.79 -8.90 -12.87
CA HIS A 204 12.00 -8.32 -11.78
C HIS A 204 12.26 -6.81 -11.76
N GLN A 205 11.27 -6.01 -11.33
CA GLN A 205 11.36 -4.56 -11.18
C GLN A 205 12.60 -4.11 -10.34
N GLY A 206 12.99 -4.92 -9.36
CA GLY A 206 14.12 -4.61 -8.48
C GLY A 206 15.50 -4.89 -9.06
N LEU A 207 15.55 -5.54 -10.23
CA LEU A 207 16.82 -5.85 -10.90
C LEU A 207 17.00 -4.94 -12.12
N SER A 208 18.12 -4.18 -12.16
CA SER A 208 18.50 -3.26 -13.26
C SER A 208 18.51 -3.97 -14.62
N SER A 209 18.98 -5.24 -14.62
CA SER A 209 19.03 -6.13 -15.78
C SER A 209 18.85 -7.59 -15.29
N PRO A 210 18.45 -8.58 -16.15
CA PRO A 210 18.21 -9.94 -15.64
C PRO A 210 19.41 -10.64 -14.99
N VAL A 211 19.13 -11.35 -13.89
CA VAL A 211 20.10 -12.14 -13.15
C VAL A 211 19.96 -13.60 -13.59
N THR A 212 21.07 -14.21 -14.01
CA THR A 212 21.09 -15.60 -14.46
C THR A 212 21.96 -16.41 -13.52
N LYS A 213 21.41 -17.52 -13.00
CA LYS A 213 22.15 -18.47 -12.17
C LYS A 213 22.22 -19.76 -12.94
N SER A 214 23.40 -20.36 -13.05
CA SER A 214 23.59 -21.57 -13.84
C SER A 214 24.54 -22.58 -13.22
N PHE A 215 24.55 -23.80 -13.79
CA PHE A 215 25.46 -24.89 -13.40
C PHE A 215 25.78 -25.74 -14.60
N ASN A 216 26.94 -26.44 -14.56
CA ASN A 216 27.34 -27.37 -15.61
C ASN A 216 27.05 -28.77 -15.09
N ARG A 217 26.21 -29.54 -15.82
CA ARG A 217 25.72 -30.89 -15.43
C ARG A 217 26.77 -31.73 -14.68
N GLY A 218 27.97 -31.85 -15.25
CA GLY A 218 29.06 -32.61 -14.66
C GLY A 218 29.70 -32.01 -13.42
N GLU A 219 30.05 -30.71 -13.47
CA GLU A 219 30.73 -29.98 -12.39
C GLU A 219 29.90 -29.87 -11.11
CA GLU B 1 -8.39 -21.65 26.90
C GLU B 1 -9.32 -22.53 26.05
N VAL B 2 -10.06 -21.90 25.12
CA VAL B 2 -10.99 -22.63 24.23
C VAL B 2 -10.19 -23.39 23.20
N GLN B 3 -10.43 -24.70 23.11
CA GLN B 3 -9.79 -25.58 22.13
C GLN B 3 -10.85 -26.37 21.39
N LEU B 4 -10.82 -26.28 20.04
CA LEU B 4 -11.72 -27.02 19.13
C LEU B 4 -10.82 -27.87 18.22
N VAL B 5 -11.01 -29.19 18.23
CA VAL B 5 -10.15 -30.10 17.45
C VAL B 5 -10.98 -30.99 16.51
N GLU B 6 -10.89 -30.72 15.19
CA GLU B 6 -11.60 -31.56 14.20
C GLU B 6 -10.78 -32.81 13.87
N SER B 7 -11.47 -33.92 13.58
CA SER B 7 -10.85 -35.19 13.18
C SER B 7 -11.81 -35.95 12.27
N GLY B 8 -11.35 -37.03 11.62
CA GLY B 8 -12.23 -37.84 10.79
C GLY B 8 -12.10 -37.64 9.29
N GLY B 9 -11.40 -36.58 8.90
CA GLY B 9 -11.19 -36.22 7.49
C GLY B 9 -10.11 -37.11 6.88
N GLY B 10 -10.18 -37.25 5.58
CA GLY B 10 -9.22 -38.07 4.87
C GLY B 10 -9.69 -38.28 3.45
N LEU B 11 -9.04 -39.21 2.77
CA LEU B 11 -9.37 -39.54 1.38
C LEU B 11 -10.54 -40.53 1.36
N VAL B 12 -11.55 -40.23 0.55
CA VAL B 12 -12.78 -41.05 0.48
C VAL B 12 -13.24 -41.15 -0.96
N GLN B 13 -13.77 -42.31 -1.34
CA GLN B 13 -14.21 -42.47 -2.72
C GLN B 13 -15.46 -41.63 -2.97
N PRO B 14 -15.62 -41.12 -4.19
CA PRO B 14 -16.88 -40.46 -4.57
C PRO B 14 -18.08 -41.41 -4.34
N GLY B 15 -19.12 -40.86 -3.76
CA GLY B 15 -20.32 -41.59 -3.35
C GLY B 15 -20.23 -42.16 -1.95
N GLY B 16 -19.04 -42.09 -1.35
CA GLY B 16 -18.77 -42.62 -0.02
C GLY B 16 -19.27 -41.74 1.11
N SER B 17 -19.02 -42.18 2.33
CA SER B 17 -19.45 -41.49 3.54
C SER B 17 -18.26 -41.27 4.48
N LEU B 18 -18.36 -40.24 5.32
CA LEU B 18 -17.35 -39.93 6.32
C LEU B 18 -18.10 -39.32 7.49
N ARG B 19 -17.58 -39.47 8.71
CA ARG B 19 -18.16 -38.82 9.87
C ARG B 19 -17.06 -37.99 10.49
N LEU B 20 -17.26 -36.67 10.56
CA LEU B 20 -16.28 -35.78 11.18
C LEU B 20 -16.65 -35.59 12.64
N SER B 21 -15.65 -35.38 13.48
CA SER B 21 -15.82 -35.12 14.91
C SER B 21 -15.10 -33.84 15.23
N CYS B 22 -15.58 -33.14 16.25
CA CYS B 22 -14.98 -31.90 16.71
C CYS B 22 -15.04 -31.95 18.22
N SER B 23 -13.89 -32.08 18.85
CA SER B 23 -13.68 -32.18 20.30
C SER B 23 -13.61 -30.77 20.86
N ALA B 24 -14.36 -30.48 21.92
CA ALA B 24 -14.37 -29.15 22.52
C ALA B 24 -13.93 -29.19 23.98
N SER B 25 -13.15 -28.16 24.39
CA SER B 25 -12.66 -28.01 25.76
C SER B 25 -12.42 -26.52 26.09
N GLY B 26 -12.38 -26.21 27.38
CA GLY B 26 -12.13 -24.83 27.85
C GLY B 26 -13.36 -23.94 27.90
N PHE B 27 -14.57 -24.52 27.73
CA PHE B 27 -15.83 -23.79 27.79
C PHE B 27 -17.01 -24.72 28.09
N SER B 28 -18.17 -24.13 28.38
CA SER B 28 -19.40 -24.87 28.64
C SER B 28 -20.05 -25.15 27.28
N PHE B 29 -19.67 -26.30 26.68
CA PHE B 29 -20.11 -26.77 25.37
C PHE B 29 -21.62 -26.69 25.15
N ASN B 30 -22.39 -27.19 26.11
CA ASN B 30 -23.85 -27.19 26.05
C ASN B 30 -24.49 -25.79 26.02
N SER B 31 -23.73 -24.70 26.28
CA SER B 31 -24.28 -23.34 26.30
C SER B 31 -24.17 -22.56 24.97
N PHE B 32 -23.50 -23.16 23.97
CA PHE B 32 -23.30 -22.48 22.70
C PHE B 32 -23.70 -23.26 21.48
N TRP B 33 -24.18 -22.53 20.48
CA TRP B 33 -24.44 -23.05 19.15
C TRP B 33 -23.08 -23.46 18.57
N MET B 34 -23.07 -24.42 17.63
CA MET B 34 -21.84 -24.89 17.01
C MET B 34 -22.05 -24.90 15.53
N HIS B 35 -21.01 -24.56 14.72
CA HIS B 35 -21.20 -24.52 13.28
C HIS B 35 -20.11 -25.38 12.60
N TRP B 36 -20.39 -25.76 11.33
CA TRP B 36 -19.41 -26.37 10.41
C TRP B 36 -19.31 -25.40 9.26
N VAL B 37 -18.07 -25.08 8.87
CA VAL B 37 -17.78 -24.19 7.73
C VAL B 37 -16.69 -24.92 6.93
N ARG B 38 -16.72 -24.84 5.62
CA ARG B 38 -15.68 -25.50 4.82
C ARG B 38 -14.95 -24.53 3.93
N GLN B 39 -13.81 -24.97 3.40
CA GLN B 39 -13.06 -24.08 2.51
C GLN B 39 -12.27 -24.96 1.53
N VAL B 40 -12.59 -24.86 0.24
CA VAL B 40 -11.88 -25.58 -0.82
C VAL B 40 -10.47 -24.98 -0.85
N PRO B 41 -9.36 -25.79 -0.89
CA PRO B 41 -8.00 -25.18 -0.89
C PRO B 41 -7.87 -24.00 -1.85
N GLY B 42 -7.40 -22.87 -1.32
CA GLY B 42 -7.25 -21.59 -2.01
C GLY B 42 -8.52 -20.84 -2.42
N LYS B 43 -9.71 -21.27 -1.91
CA LYS B 43 -11.00 -20.62 -2.20
C LYS B 43 -11.60 -20.02 -0.91
N GLY B 44 -12.84 -19.56 -0.97
CA GLY B 44 -13.46 -18.87 0.16
C GLY B 44 -14.10 -19.77 1.19
N LEU B 45 -14.52 -19.15 2.29
CA LEU B 45 -15.25 -19.83 3.37
C LEU B 45 -16.67 -20.03 2.91
N VAL B 46 -17.19 -21.24 3.16
CA VAL B 46 -18.55 -21.63 2.78
C VAL B 46 -19.22 -22.21 4.03
N TRP B 47 -20.26 -21.52 4.53
CA TRP B 47 -21.00 -22.03 5.68
C TRP B 47 -21.75 -23.33 5.29
N ILE B 48 -21.67 -24.35 6.15
CA ILE B 48 -22.26 -25.66 5.83
C ILE B 48 -23.44 -26.02 6.73
N SER B 49 -23.31 -25.85 8.04
CA SER B 49 -24.38 -26.28 8.96
C SER B 49 -24.23 -25.69 10.36
N PHE B 50 -25.30 -25.74 11.16
CA PHE B 50 -25.21 -25.32 12.54
C PHE B 50 -26.22 -26.11 13.34
N THR B 51 -26.04 -26.07 14.63
CA THR B 51 -26.98 -26.66 15.58
C THR B 51 -27.12 -25.72 16.75
N ASN B 52 -28.34 -25.61 17.34
CA ASN B 52 -28.49 -24.82 18.54
C ASN B 52 -27.90 -25.64 19.72
N ASN B 53 -28.02 -25.13 20.96
CA ASN B 53 -27.48 -25.75 22.16
C ASN B 53 -27.84 -27.23 22.37
N GLU B 54 -29.09 -27.63 22.12
CA GLU B 54 -29.55 -28.99 22.38
C GLU B 54 -29.61 -29.93 21.17
N GLY B 55 -29.39 -29.38 19.97
CA GLY B 55 -29.45 -30.16 18.74
C GLY B 55 -30.86 -30.27 18.20
N THR B 56 -31.78 -29.46 18.73
CA THR B 56 -33.19 -29.45 18.33
C THR B 56 -33.46 -28.52 17.15
N THR B 57 -32.52 -27.60 16.85
CA THR B 57 -32.64 -26.72 15.70
C THR B 57 -31.37 -26.86 14.91
N THR B 58 -31.49 -27.23 13.63
CA THR B 58 -30.35 -27.44 12.72
C THR B 58 -30.70 -26.83 11.36
N ALA B 59 -29.66 -26.48 10.57
CA ALA B 59 -29.84 -25.97 9.22
C ALA B 59 -28.60 -26.35 8.45
N TYR B 60 -28.69 -26.31 7.12
CA TYR B 60 -27.65 -26.75 6.20
C TYR B 60 -27.61 -25.86 4.99
N ALA B 61 -26.46 -25.85 4.30
CA ALA B 61 -26.30 -25.16 3.03
C ALA B 61 -27.09 -25.95 1.99
N ASP B 62 -27.56 -25.28 0.93
CA ASP B 62 -28.32 -25.89 -0.16
C ASP B 62 -27.59 -27.06 -0.81
N SER B 63 -26.26 -26.94 -1.05
CA SER B 63 -25.52 -28.01 -1.73
C SER B 63 -25.31 -29.28 -0.90
N VAL B 64 -25.54 -29.26 0.43
CA VAL B 64 -25.33 -30.42 1.31
C VAL B 64 -26.66 -30.94 1.97
N ARG B 65 -27.75 -30.16 1.86
CA ARG B 65 -29.02 -30.55 2.51
C ARG B 65 -29.50 -31.87 1.95
N GLY B 66 -29.83 -32.79 2.82
CA GLY B 66 -30.29 -34.12 2.41
C GLY B 66 -29.15 -35.12 2.32
N ARG B 67 -27.90 -34.64 2.37
CA ARG B 67 -26.74 -35.53 2.32
C ARG B 67 -25.96 -35.51 3.63
N PHE B 68 -25.99 -34.37 4.36
CA PHE B 68 -25.22 -34.25 5.60
C PHE B 68 -26.14 -34.18 6.79
N ILE B 69 -25.64 -34.61 7.97
CA ILE B 69 -26.39 -34.55 9.24
C ILE B 69 -25.50 -34.03 10.34
N ILE B 70 -25.86 -32.87 10.89
CA ILE B 70 -25.14 -32.36 12.04
C ILE B 70 -25.74 -32.96 13.33
N SER B 71 -24.92 -33.20 14.34
CA SER B 71 -25.37 -33.68 15.66
C SER B 71 -24.35 -33.35 16.73
N ARG B 72 -24.77 -33.40 18.00
CA ARG B 72 -23.88 -33.12 19.10
C ARG B 72 -24.17 -34.06 20.27
N ASP B 73 -23.14 -34.35 21.07
CA ASP B 73 -23.20 -35.15 22.27
C ASP B 73 -22.67 -34.22 23.37
N ASN B 74 -23.59 -33.49 24.00
CA ASN B 74 -23.24 -32.50 25.02
C ASN B 74 -22.47 -33.08 26.21
N ALA B 75 -22.81 -34.32 26.63
CA ALA B 75 -22.12 -34.98 27.74
C ALA B 75 -20.67 -35.36 27.40
N LYS B 76 -20.35 -35.57 26.10
CA LYS B 76 -19.00 -35.97 25.69
C LYS B 76 -18.19 -34.83 25.03
N ASN B 77 -18.75 -33.59 25.04
CA ASN B 77 -18.14 -32.37 24.52
C ASN B 77 -17.69 -32.55 23.06
N THR B 78 -18.58 -33.18 22.24
CA THR B 78 -18.25 -33.50 20.83
C THR B 78 -19.33 -33.08 19.87
N LEU B 79 -18.91 -32.48 18.74
CA LEU B 79 -19.78 -32.07 17.64
C LEU B 79 -19.48 -33.03 16.49
N TYR B 80 -20.48 -33.36 15.69
CA TYR B 80 -20.35 -34.30 14.58
C TYR B 80 -20.89 -33.79 13.29
N LEU B 81 -20.36 -34.33 12.18
CA LEU B 81 -20.95 -34.06 10.89
C LEU B 81 -20.87 -35.38 10.12
N GLU B 82 -22.04 -35.98 9.85
CA GLU B 82 -22.13 -37.21 9.05
C GLU B 82 -22.28 -36.71 7.62
N MET B 83 -21.40 -37.17 6.72
CA MET B 83 -21.44 -36.73 5.32
C MET B 83 -21.64 -37.94 4.43
N ASN B 84 -22.70 -37.94 3.64
CA ASN B 84 -23.03 -39.06 2.77
C ASN B 84 -23.03 -38.63 1.29
N ASN B 85 -22.96 -39.62 0.38
CA ASN B 85 -22.95 -39.39 -1.08
C ASN B 85 -21.98 -38.27 -1.46
N LEU B 86 -20.75 -38.39 -0.96
CA LEU B 86 -19.73 -37.38 -1.20
C LEU B 86 -19.33 -37.23 -2.65
N ARG B 87 -19.13 -35.99 -3.10
CA ARG B 87 -18.66 -35.68 -4.45
C ARG B 87 -17.42 -34.83 -4.46
N GLY B 88 -16.83 -34.65 -5.63
CA GLY B 88 -15.62 -33.83 -5.81
C GLY B 88 -15.78 -32.43 -5.27
N GLU B 89 -16.99 -31.85 -5.41
CA GLU B 89 -17.25 -30.50 -4.92
C GLU B 89 -17.26 -30.42 -3.37
N ASP B 90 -17.24 -31.59 -2.65
CA ASP B 90 -17.17 -31.61 -1.18
C ASP B 90 -15.71 -31.63 -0.68
N THR B 91 -14.72 -31.78 -1.59
CA THR B 91 -13.30 -31.72 -1.20
C THR B 91 -13.01 -30.34 -0.60
N ALA B 92 -12.57 -30.32 0.68
CA ALA B 92 -12.32 -29.03 1.36
C ALA B 92 -11.77 -29.30 2.73
N VAL B 93 -11.29 -28.23 3.41
CA VAL B 93 -10.90 -28.26 4.80
C VAL B 93 -12.22 -27.98 5.53
N TYR B 94 -12.55 -28.80 6.52
CA TYR B 94 -13.79 -28.62 7.28
C TYR B 94 -13.45 -28.11 8.65
N TYR B 95 -14.04 -26.97 9.02
CA TYR B 95 -13.80 -26.33 10.31
C TYR B 95 -15.04 -26.42 11.17
N CYS B 96 -14.83 -26.57 12.47
CA CYS B 96 -15.91 -26.43 13.43
C CYS B 96 -15.63 -25.13 14.16
N ALA B 97 -16.69 -24.40 14.47
CA ALA B 97 -16.60 -23.12 15.16
C ALA B 97 -17.66 -23.02 16.24
N ARG B 98 -17.29 -22.42 17.36
CA ARG B 98 -18.22 -22.15 18.48
C ARG B 98 -18.87 -20.80 18.17
N GLY B 99 -20.20 -20.78 18.20
CA GLY B 99 -20.95 -19.56 17.94
C GLY B 99 -21.18 -18.78 19.23
N ASP B 100 -21.02 -17.45 19.15
CA ASP B 100 -21.31 -16.53 20.28
C ASP B 100 -21.80 -15.27 19.62
N GLY B 101 -21.04 -14.18 19.67
CA GLY B 101 -21.37 -12.98 18.92
C GLY B 101 -21.23 -13.23 17.42
N GLY B 102 -20.20 -14.00 17.07
CA GLY B 102 -20.00 -14.45 15.69
C GLY B 102 -19.55 -15.89 15.78
N LEU B 103 -18.69 -16.34 14.84
CA LEU B 103 -18.11 -17.68 14.97
C LEU B 103 -16.77 -17.36 15.62
N ASP B 104 -16.75 -17.38 16.97
CA ASP B 104 -15.68 -16.87 17.84
C ASP B 104 -14.39 -17.68 17.95
N ASP B 105 -14.48 -19.03 17.87
CA ASP B 105 -13.31 -19.89 18.02
C ASP B 105 -13.43 -20.93 16.93
N TRP B 106 -12.33 -21.20 16.23
CA TRP B 106 -12.28 -22.15 15.11
C TRP B 106 -11.20 -23.17 15.37
N GLY B 107 -11.43 -24.41 14.97
CA GLY B 107 -10.42 -25.46 15.07
C GLY B 107 -9.41 -25.29 13.95
N GLN B 108 -8.39 -26.16 13.86
CA GLN B 108 -7.37 -26.07 12.79
C GLN B 108 -7.91 -26.60 11.45
N GLY B 109 -9.02 -27.31 11.49
CA GLY B 109 -9.68 -27.86 10.30
C GLY B 109 -9.19 -29.26 9.98
N THR B 110 -10.01 -30.02 9.23
CA THR B 110 -9.68 -31.41 8.81
C THR B 110 -9.95 -31.50 7.33
N LEU B 111 -8.95 -31.92 6.53
CA LEU B 111 -9.10 -32.03 5.09
C LEU B 111 -9.83 -33.30 4.66
N VAL B 112 -10.87 -33.12 3.84
CA VAL B 112 -11.65 -34.20 3.24
C VAL B 112 -11.31 -34.16 1.75
N THR B 113 -10.80 -35.26 1.18
CA THR B 113 -10.46 -35.33 -0.25
C THR B 113 -11.34 -36.40 -0.87
N VAL B 114 -12.24 -36.02 -1.78
CA VAL B 114 -13.18 -36.93 -2.45
C VAL B 114 -12.62 -37.27 -3.82
N SER B 115 -12.06 -38.47 -3.92
CA SER B 115 -11.34 -38.87 -5.13
C SER B 115 -11.20 -40.36 -5.18
N SER B 116 -11.07 -40.88 -6.40
CA SER B 116 -10.81 -42.34 -6.58
C SER B 116 -9.30 -42.58 -6.80
N ALA B 117 -8.46 -41.53 -6.66
CA ALA B 117 -7.00 -41.68 -6.83
C ALA B 117 -6.43 -42.37 -5.60
N SER B 118 -5.33 -43.10 -5.79
CA SER B 118 -4.72 -43.83 -4.67
C SER B 118 -3.82 -42.95 -3.82
N THR B 119 -3.72 -43.34 -2.52
CA THR B 119 -2.75 -42.73 -1.63
C THR B 119 -1.36 -43.16 -2.11
N LYS B 120 -0.42 -42.22 -2.11
CA LYS B 120 0.97 -42.45 -2.54
C LYS B 120 1.88 -41.58 -1.68
N GLY B 121 2.88 -42.21 -1.10
CA GLY B 121 3.88 -41.50 -0.29
C GLY B 121 4.93 -40.78 -1.13
N PRO B 122 5.50 -39.68 -0.62
CA PRO B 122 6.46 -38.94 -1.41
C PRO B 122 7.87 -39.52 -1.35
N SER B 123 8.73 -39.09 -2.30
CA SER B 123 10.17 -39.31 -2.30
C SER B 123 10.71 -37.96 -1.81
N VAL B 124 11.73 -37.98 -0.96
CA VAL B 124 12.28 -36.72 -0.44
C VAL B 124 13.71 -36.58 -0.98
N PHE B 125 13.96 -35.52 -1.77
CA PHE B 125 15.27 -35.28 -2.36
C PHE B 125 15.95 -34.05 -1.80
N PRO B 126 17.29 -34.07 -1.60
CA PRO B 126 17.94 -32.84 -1.11
C PRO B 126 18.06 -31.78 -2.19
N LEU B 127 18.06 -30.49 -1.79
CA LEU B 127 18.34 -29.38 -2.71
C LEU B 127 19.67 -28.88 -2.13
N ALA B 128 20.79 -29.38 -2.71
CA ALA B 128 22.15 -29.17 -2.22
C ALA B 128 22.62 -27.73 -2.26
N PRO B 129 23.18 -27.17 -1.16
CA PRO B 129 23.68 -25.78 -1.20
C PRO B 129 24.77 -25.54 -2.25
N SER B 130 24.84 -24.32 -2.80
CA SER B 130 25.84 -23.95 -3.81
C SER B 130 27.21 -23.73 -3.17
N GLY B 137 28.51 -14.66 1.31
CA GLY B 137 27.40 -14.29 2.20
C GLY B 137 26.57 -15.48 2.65
N THR B 138 25.25 -15.43 2.36
CA THR B 138 24.27 -16.48 2.72
C THR B 138 24.08 -17.53 1.59
N ALA B 139 23.74 -18.77 1.99
CA ALA B 139 23.53 -19.89 1.07
C ALA B 139 22.11 -20.45 1.20
N ALA B 140 21.59 -21.07 0.13
CA ALA B 140 20.27 -21.71 0.18
C ALA B 140 20.38 -23.21 -0.01
N LEU B 141 19.55 -23.94 0.74
CA LEU B 141 19.43 -25.40 0.68
C LEU B 141 17.94 -25.75 0.94
N GLY B 142 17.57 -26.98 0.70
CA GLY B 142 16.19 -27.38 0.98
C GLY B 142 15.91 -28.84 0.73
N CYS B 143 14.61 -29.17 0.62
CA CYS B 143 14.14 -30.54 0.38
C CYS B 143 13.02 -30.45 -0.63
N LEU B 144 13.09 -31.32 -1.65
CA LEU B 144 12.02 -31.44 -2.67
C LEU B 144 11.21 -32.71 -2.27
N VAL B 145 9.91 -32.53 -1.99
CA VAL B 145 8.99 -33.57 -1.55
C VAL B 145 8.13 -33.84 -2.76
N LYS B 146 8.47 -34.88 -3.50
CA LYS B 146 7.87 -35.14 -4.79
C LYS B 146 6.92 -36.33 -4.85
N ASP B 147 5.82 -36.18 -5.64
CA ASP B 147 4.94 -37.26 -6.06
C ASP B 147 4.14 -37.91 -4.97
N TYR B 148 3.24 -37.16 -4.33
CA TYR B 148 2.41 -37.73 -3.29
C TYR B 148 0.96 -37.37 -3.52
N PHE B 149 0.08 -38.09 -2.86
CA PHE B 149 -1.35 -37.89 -2.89
C PHE B 149 -1.93 -38.59 -1.70
N PRO B 150 -3.00 -38.04 -1.08
CA PRO B 150 -3.58 -36.69 -1.24
C PRO B 150 -2.73 -35.68 -0.47
N GLU B 151 -3.17 -34.42 -0.42
CA GLU B 151 -2.49 -33.50 0.50
C GLU B 151 -2.94 -33.93 1.93
N PRO B 152 -2.30 -33.40 3.01
CA PRO B 152 -1.17 -32.48 2.99
C PRO B 152 0.17 -33.12 3.41
N VAL B 153 1.26 -32.38 3.21
CA VAL B 153 2.57 -32.76 3.75
C VAL B 153 2.98 -31.62 4.69
N THR B 154 3.74 -31.94 5.75
CA THR B 154 4.31 -30.89 6.61
C THR B 154 5.83 -31.04 6.58
N VAL B 155 6.53 -29.91 6.72
CA VAL B 155 7.98 -29.90 6.69
C VAL B 155 8.44 -29.00 7.84
N SER B 156 9.33 -29.52 8.69
CA SER B 156 9.98 -28.74 9.73
C SER B 156 11.46 -28.92 9.51
N TRP B 157 12.28 -28.04 10.12
CA TRP B 157 13.72 -28.09 9.96
C TRP B 157 14.34 -28.30 11.35
N ASN B 158 15.25 -29.26 11.47
CA ASN B 158 15.91 -29.63 12.73
C ASN B 158 14.92 -29.75 13.92
N SER B 159 13.85 -30.54 13.71
CA SER B 159 12.77 -30.85 14.65
C SER B 159 12.06 -29.59 15.23
N GLY B 160 11.97 -28.53 14.42
CA GLY B 160 11.29 -27.29 14.78
C GLY B 160 12.15 -26.23 15.45
N ALA B 161 13.49 -26.41 15.43
CA ALA B 161 14.49 -25.50 16.00
C ALA B 161 14.90 -24.42 15.00
N LEU B 162 14.94 -24.78 13.70
CA LEU B 162 15.28 -23.86 12.63
C LEU B 162 13.96 -23.40 12.00
N THR B 163 13.55 -22.16 12.27
CA THR B 163 12.32 -21.55 11.75
C THR B 163 12.64 -20.31 10.89
N SER B 164 13.71 -19.56 11.26
CA SER B 164 14.14 -18.35 10.56
C SER B 164 14.61 -18.60 9.15
N GLY B 165 14.09 -17.81 8.22
CA GLY B 165 14.43 -17.88 6.79
C GLY B 165 13.90 -19.09 6.05
N VAL B 166 13.04 -19.89 6.70
CA VAL B 166 12.42 -21.09 6.11
C VAL B 166 11.24 -20.65 5.25
N HIS B 167 11.16 -21.17 4.02
CA HIS B 167 10.00 -20.94 3.15
C HIS B 167 9.51 -22.31 2.67
N THR B 168 8.34 -22.74 3.13
CA THR B 168 7.75 -23.99 2.66
C THR B 168 6.68 -23.57 1.67
N PHE B 169 6.92 -23.92 0.42
CA PHE B 169 6.07 -23.52 -0.68
C PHE B 169 4.76 -24.25 -0.71
N PRO B 170 3.70 -23.58 -1.23
CA PRO B 170 2.46 -24.31 -1.46
C PRO B 170 2.73 -25.47 -2.43
N ALA B 171 2.05 -26.59 -2.22
CA ALA B 171 2.13 -27.75 -3.12
C ALA B 171 1.56 -27.39 -4.47
N VAL B 172 2.13 -27.99 -5.53
CA VAL B 172 1.69 -27.83 -6.90
CA VAL B 172 1.65 -27.83 -6.89
C VAL B 172 1.17 -29.18 -7.40
N LEU B 173 0.07 -29.18 -8.15
CA LEU B 173 -0.43 -30.41 -8.73
C LEU B 173 0.29 -30.55 -10.08
N GLN B 174 1.04 -31.64 -10.25
CA GLN B 174 1.83 -31.91 -11.44
C GLN B 174 1.00 -32.51 -12.54
N SER B 175 1.60 -32.58 -13.77
CA SER B 175 0.91 -33.15 -14.93
CA SER B 175 0.92 -33.17 -14.94
C SER B 175 0.45 -34.57 -14.63
N SER B 176 1.22 -35.30 -13.80
CA SER B 176 0.87 -36.67 -13.38
C SER B 176 -0.39 -36.77 -12.49
N GLY B 177 -0.82 -35.68 -11.89
CA GLY B 177 -1.94 -35.71 -10.93
C GLY B 177 -1.45 -35.96 -9.49
N LEU B 178 -0.12 -35.95 -9.28
CA LEU B 178 0.49 -36.10 -7.95
C LEU B 178 0.99 -34.75 -7.53
N TYR B 179 1.05 -34.51 -6.23
CA TYR B 179 1.54 -33.22 -5.75
C TYR B 179 3.04 -33.22 -5.57
N SER B 180 3.60 -32.05 -5.57
CA SER B 180 5.02 -31.85 -5.26
C SER B 180 5.18 -30.55 -4.49
N LEU B 181 6.14 -30.49 -3.57
CA LEU B 181 6.46 -29.20 -2.94
C LEU B 181 7.93 -29.13 -2.56
N SER B 182 8.47 -27.92 -2.43
CA SER B 182 9.84 -27.75 -1.93
C SER B 182 9.78 -26.92 -0.67
N SER B 183 10.75 -27.15 0.21
CA SER B 183 10.91 -26.34 1.42
C SER B 183 12.37 -25.91 1.38
N VAL B 184 12.64 -24.60 1.53
CA VAL B 184 14.02 -24.10 1.44
C VAL B 184 14.30 -23.29 2.69
N VAL B 185 15.59 -23.05 2.95
CA VAL B 185 16.02 -22.22 4.08
C VAL B 185 17.30 -21.51 3.66
N THR B 186 17.49 -20.27 4.11
CA THR B 186 18.70 -19.52 3.81
C THR B 186 19.51 -19.49 5.09
N VAL B 187 20.77 -19.85 4.98
CA VAL B 187 21.65 -19.95 6.14
C VAL B 187 22.99 -19.25 5.87
N PRO B 188 23.78 -18.89 6.91
CA PRO B 188 25.12 -18.34 6.62
C PRO B 188 25.97 -19.47 6.05
N SER B 189 26.74 -19.21 4.99
CA SER B 189 27.65 -20.19 4.38
C SER B 189 28.67 -20.71 5.41
N SER B 190 28.88 -19.92 6.49
CA SER B 190 29.76 -20.18 7.61
C SER B 190 29.32 -21.42 8.42
N SER B 191 28.00 -21.60 8.60
CA SER B 191 27.42 -22.69 9.38
C SER B 191 27.28 -24.02 8.61
N LEU B 192 27.66 -24.06 7.32
CA LEU B 192 27.56 -25.25 6.47
C LEU B 192 28.44 -26.44 6.94
N GLY B 193 29.41 -26.19 7.81
CA GLY B 193 30.30 -27.21 8.35
C GLY B 193 29.96 -27.60 9.78
N THR B 194 29.67 -26.60 10.62
CA THR B 194 29.34 -26.76 12.04
C THR B 194 27.89 -27.14 12.32
N GLN B 195 26.94 -26.77 11.43
CA GLN B 195 25.53 -27.06 11.64
C GLN B 195 24.97 -28.06 10.63
N THR B 196 24.31 -29.09 11.17
CA THR B 196 23.66 -30.13 10.37
C THR B 196 22.26 -29.61 10.01
N TYR B 197 21.88 -29.81 8.74
CA TYR B 197 20.54 -29.37 8.29
C TYR B 197 19.71 -30.58 7.91
N ILE B 198 18.64 -30.83 8.66
CA ILE B 198 17.72 -31.96 8.41
C ILE B 198 16.27 -31.48 8.21
N CYS B 199 15.64 -31.88 7.09
CA CYS B 199 14.21 -31.54 6.91
C CYS B 199 13.37 -32.74 7.40
N ASN B 200 12.40 -32.47 8.26
CA ASN B 200 11.53 -33.49 8.82
C ASN B 200 10.23 -33.45 8.02
N VAL B 201 10.04 -34.44 7.15
CA VAL B 201 8.86 -34.52 6.27
C VAL B 201 7.86 -35.51 6.85
N ASN B 202 6.57 -35.13 6.91
CA ASN B 202 5.52 -36.04 7.34
C ASN B 202 4.37 -35.97 6.34
N HIS B 203 4.06 -37.10 5.71
CA HIS B 203 2.90 -37.23 4.84
C HIS B 203 2.05 -38.23 5.59
N LYS B 204 1.28 -37.72 6.55
CA LYS B 204 0.42 -38.54 7.39
C LYS B 204 -0.58 -39.40 6.58
N PRO B 205 -1.15 -38.89 5.46
CA PRO B 205 -2.06 -39.75 4.68
C PRO B 205 -1.49 -41.10 4.26
N SER B 206 -0.17 -41.21 3.99
CA SER B 206 0.47 -42.46 3.57
C SER B 206 1.37 -43.06 4.66
N ASN B 207 1.31 -42.51 5.87
CA ASN B 207 2.16 -42.94 7.01
C ASN B 207 3.66 -42.79 6.69
N THR B 208 4.03 -41.76 5.88
CA THR B 208 5.43 -41.57 5.47
C THR B 208 6.07 -40.46 6.27
N LYS B 209 7.08 -40.82 7.09
CA LYS B 209 7.86 -39.87 7.88
C LYS B 209 9.29 -40.05 7.43
N VAL B 210 9.93 -38.97 6.94
CA VAL B 210 11.28 -38.98 6.41
C VAL B 210 12.04 -37.82 7.05
N ASP B 211 13.24 -38.08 7.60
CA ASP B 211 14.11 -37.01 8.14
C ASP B 211 15.31 -37.05 7.22
N LYS B 212 15.43 -36.06 6.30
CA LYS B 212 16.50 -36.02 5.30
C LYS B 212 17.61 -34.98 5.62
N LYS B 213 18.84 -35.48 5.85
CA LYS B 213 20.00 -34.61 6.11
C LYS B 213 20.45 -34.01 4.77
N VAL B 214 20.50 -32.67 4.67
CA VAL B 214 20.92 -31.97 3.45
C VAL B 214 22.34 -31.44 3.66
N GLU B 215 23.27 -31.83 2.78
CA GLU B 215 24.68 -31.44 2.88
C GLU B 215 25.33 -31.16 1.51
N PRO B 216 26.54 -30.51 1.44
CA PRO B 216 27.14 -30.22 0.12
C PRO B 216 27.60 -31.46 -0.63
CA GLU C 1 16.61 1.37 -8.88
C GLU C 1 16.96 2.54 -9.78
N VAL C 2 15.98 3.01 -10.59
CA VAL C 2 16.19 4.18 -11.45
C VAL C 2 16.17 5.42 -10.58
N GLN C 3 17.15 6.30 -10.76
CA GLN C 3 17.23 7.57 -10.06
C GLN C 3 17.57 8.68 -11.03
N LEU C 4 16.75 9.74 -11.05
CA LEU C 4 16.90 10.94 -11.86
C LEU C 4 17.05 12.10 -10.87
N VAL C 5 18.11 12.90 -11.01
CA VAL C 5 18.36 14.05 -10.12
C VAL C 5 18.57 15.33 -10.92
N GLU C 6 17.60 16.26 -10.81
CA GLU C 6 17.72 17.55 -11.47
C GLU C 6 18.53 18.46 -10.58
N SER C 7 19.30 19.36 -11.19
CA SER C 7 20.08 20.40 -10.52
C SER C 7 20.23 21.60 -11.48
N GLY C 8 20.75 22.71 -10.97
CA GLY C 8 20.96 23.91 -11.76
C GLY C 8 19.91 25.00 -11.62
N GLY C 9 18.80 24.69 -10.96
CA GLY C 9 17.72 25.66 -10.78
C GLY C 9 18.09 26.64 -9.69
N GLY C 10 17.46 27.79 -9.71
CA GLY C 10 17.72 28.85 -8.74
C GLY C 10 17.12 30.15 -9.17
N LEU C 11 17.47 31.21 -8.45
CA LEU C 11 16.95 32.54 -8.74
C LEU C 11 17.76 33.20 -9.82
N VAL C 12 17.07 33.71 -10.84
CA VAL C 12 17.76 34.31 -11.98
C VAL C 12 17.02 35.58 -12.41
N GLN C 13 17.78 36.57 -12.90
CA GLN C 13 17.23 37.86 -13.34
C GLN C 13 16.36 37.67 -14.59
N PRO C 14 15.28 38.47 -14.74
CA PRO C 14 14.52 38.43 -16.00
C PRO C 14 15.48 38.73 -17.16
N GLY C 15 15.36 37.96 -18.24
CA GLY C 15 16.20 38.06 -19.42
C GLY C 15 17.49 37.28 -19.32
N GLY C 16 17.73 36.66 -18.16
CA GLY C 16 18.94 35.88 -17.93
C GLY C 16 18.83 34.47 -18.46
N SER C 17 19.88 33.69 -18.25
CA SER C 17 20.00 32.31 -18.69
C SER C 17 20.31 31.38 -17.55
N LEU C 18 20.00 30.09 -17.72
CA LEU C 18 20.30 29.06 -16.73
C LEU C 18 20.45 27.75 -17.50
N ARG C 19 21.26 26.82 -17.02
CA ARG C 19 21.39 25.49 -17.62
C ARG C 19 21.04 24.45 -16.57
N LEU C 20 19.95 23.72 -16.78
CA LEU C 20 19.55 22.65 -15.87
C LEU C 20 20.25 21.37 -16.27
N SER C 21 20.52 20.52 -15.30
CA SER C 21 21.14 19.20 -15.49
C SER C 21 20.25 18.14 -14.87
N CYS C 22 20.29 16.94 -15.42
CA CYS C 22 19.53 15.81 -14.91
C CYS C 22 20.46 14.63 -14.94
N SER C 23 20.92 14.23 -13.75
CA SER C 23 21.83 13.10 -13.59
C SER C 23 21.00 11.81 -13.50
N ALA C 24 21.31 10.83 -14.37
CA ALA C 24 20.58 9.57 -14.46
C ALA C 24 21.42 8.38 -14.03
N SER C 25 20.81 7.45 -13.28
CA SER C 25 21.46 6.21 -12.84
C SER C 25 20.44 5.07 -12.71
N GLY C 26 20.94 3.83 -12.69
CA GLY C 26 20.13 2.63 -12.54
C GLY C 26 19.45 2.11 -13.80
N PHE C 27 19.87 2.58 -14.97
CA PHE C 27 19.31 2.14 -16.26
C PHE C 27 20.26 2.46 -17.42
N SER C 28 19.98 1.91 -18.62
CA SER C 28 20.79 2.18 -19.80
C SER C 28 20.33 3.51 -20.40
N PHE C 29 20.96 4.62 -19.96
CA PHE C 29 20.60 5.97 -20.35
C PHE C 29 20.41 6.20 -21.84
N ASN C 30 21.35 5.74 -22.69
CA ASN C 30 21.29 5.96 -24.14
C ASN C 30 20.18 5.17 -24.85
N SER C 31 19.45 4.31 -24.12
CA SER C 31 18.37 3.49 -24.70
C SER C 31 16.96 4.11 -24.61
N PHE C 32 16.83 5.29 -23.93
CA PHE C 32 15.51 5.87 -23.77
C PHE C 32 15.39 7.35 -24.11
N TRP C 33 14.21 7.77 -24.53
CA TRP C 33 13.87 9.16 -24.78
C TRP C 33 13.88 9.84 -23.40
N MET C 34 14.17 11.14 -23.37
CA MET C 34 14.16 11.90 -22.10
C MET C 34 13.31 13.13 -22.28
N HIS C 35 12.58 13.54 -21.23
CA HIS C 35 11.67 14.67 -21.31
C HIS C 35 11.95 15.69 -20.19
N TRP C 36 11.55 16.95 -20.42
CA TRP C 36 11.50 18.04 -19.43
C TRP C 36 10.04 18.45 -19.33
N VAL C 37 9.51 18.53 -18.10
CA VAL C 37 8.15 18.95 -17.85
C VAL C 37 8.27 20.01 -16.76
N ARG C 38 7.43 21.02 -16.75
CA ARG C 38 7.49 22.01 -15.66
C ARG C 38 6.18 22.17 -15.00
N GLN C 39 6.19 22.74 -13.78
CA GLN C 39 4.96 22.95 -13.07
C GLN C 39 5.12 24.20 -12.20
N VAL C 40 4.30 25.21 -12.50
CA VAL C 40 4.24 26.44 -11.70
C VAL C 40 3.65 26.01 -10.34
N PRO C 41 4.26 26.37 -9.18
CA PRO C 41 3.72 25.87 -7.90
C PRO C 41 2.21 26.05 -7.78
N GLY C 42 1.51 24.98 -7.40
CA GLY C 42 0.05 24.98 -7.23
C GLY C 42 -0.76 24.89 -8.51
N LYS C 43 -0.09 24.76 -9.69
CA LYS C 43 -0.73 24.68 -11.01
C LYS C 43 -0.50 23.32 -11.70
N GLY C 44 -0.89 23.21 -12.95
CA GLY C 44 -0.79 21.95 -13.69
C GLY C 44 0.54 21.62 -14.33
N LEU C 45 0.67 20.38 -14.79
CA LEU C 45 1.87 19.90 -15.48
C LEU C 45 1.87 20.47 -16.89
N VAL C 46 3.05 20.96 -17.34
CA VAL C 46 3.20 21.58 -18.67
C VAL C 46 4.40 20.91 -19.32
N TRP C 47 4.16 20.16 -20.42
CA TRP C 47 5.25 19.50 -21.12
C TRP C 47 6.10 20.58 -21.80
N ILE C 48 7.43 20.43 -21.73
CA ILE C 48 8.37 21.46 -22.20
C ILE C 48 9.23 21.05 -23.35
N SER C 49 9.83 19.85 -23.28
CA SER C 49 10.76 19.38 -24.29
C SER C 49 11.00 17.90 -24.19
N PHE C 50 11.52 17.29 -25.28
CA PHE C 50 11.94 15.91 -25.28
C PHE C 50 13.06 15.74 -26.27
N THR C 51 13.80 14.67 -26.10
CA THR C 51 14.87 14.25 -26.97
C THR C 51 14.77 12.77 -27.21
N ASN C 52 15.04 12.30 -28.46
CA ASN C 52 15.10 10.86 -28.70
C ASN C 52 16.43 10.37 -28.12
N ASN C 53 16.77 9.07 -28.29
CA ASN C 53 17.96 8.40 -27.74
C ASN C 53 19.28 9.11 -27.93
N GLU C 54 19.58 9.51 -29.17
CA GLU C 54 20.88 10.14 -29.45
C GLU C 54 20.83 11.66 -29.60
N GLY C 55 19.65 12.25 -29.40
CA GLY C 55 19.46 13.69 -29.50
C GLY C 55 19.36 14.22 -30.91
N THR C 56 19.03 13.33 -31.88
CA THR C 56 18.86 13.71 -33.28
C THR C 56 17.44 14.23 -33.52
N THR C 57 16.51 13.90 -32.61
CA THR C 57 15.14 14.41 -32.69
C THR C 57 14.84 15.14 -31.37
N THR C 58 14.39 16.38 -31.47
CA THR C 58 14.06 17.20 -30.29
C THR C 58 12.82 17.98 -30.60
N ALA C 59 12.05 18.37 -29.56
CA ALA C 59 10.84 19.18 -29.75
C ALA C 59 10.62 20.02 -28.51
N TYR C 60 9.88 21.12 -28.64
CA TYR C 60 9.65 22.08 -27.56
C TYR C 60 8.22 22.53 -27.50
N ALA C 61 7.75 22.99 -26.33
CA ALA C 61 6.44 23.60 -26.17
C ALA C 61 6.49 24.93 -26.92
N ASP C 62 5.32 25.45 -27.32
CA ASP C 62 5.21 26.73 -28.06
C ASP C 62 5.83 27.91 -27.32
N SER C 63 5.52 28.03 -26.01
CA SER C 63 5.98 29.13 -25.16
C SER C 63 7.51 29.17 -24.94
N VAL C 64 8.23 28.07 -25.21
CA VAL C 64 9.68 28.03 -25.01
C VAL C 64 10.50 27.91 -26.29
N ARG C 65 9.87 27.52 -27.42
CA ARG C 65 10.61 27.34 -28.67
C ARG C 65 11.39 28.62 -29.04
N GLY C 66 12.63 28.45 -29.45
CA GLY C 66 13.51 29.56 -29.81
C GLY C 66 14.34 30.13 -28.67
N ARG C 67 14.03 29.74 -27.41
CA ARG C 67 14.74 30.22 -26.21
C ARG C 67 15.39 29.08 -25.46
N PHE C 68 14.79 27.87 -25.49
CA PHE C 68 15.35 26.70 -24.80
C PHE C 68 16.00 25.72 -25.75
N ILE C 69 17.02 25.02 -25.26
CA ILE C 69 17.72 23.96 -25.97
C ILE C 69 17.91 22.73 -25.12
N ILE C 70 17.28 21.62 -25.54
CA ILE C 70 17.51 20.34 -24.87
C ILE C 70 18.74 19.69 -25.53
N SER C 71 19.53 18.98 -24.73
CA SER C 71 20.69 18.23 -25.20
C SER C 71 20.96 17.12 -24.20
N ARG C 72 21.80 16.17 -24.58
CA ARG C 72 22.15 15.05 -23.73
C ARG C 72 23.58 14.61 -23.96
N ASP C 73 24.21 14.12 -22.91
CA ASP C 73 25.55 13.57 -22.98
C ASP C 73 25.44 12.12 -22.53
N ASN C 74 25.38 11.18 -23.51
CA ASN C 74 25.18 9.76 -23.18
C ASN C 74 26.34 9.12 -22.42
N ALA C 75 27.59 9.52 -22.73
CA ALA C 75 28.78 9.05 -22.04
C ALA C 75 28.77 9.39 -20.54
N LYS C 76 28.17 10.55 -20.19
CA LYS C 76 28.10 11.07 -18.82
C LYS C 76 26.73 10.85 -18.10
N ASN C 77 25.77 10.16 -18.77
CA ASN C 77 24.44 9.86 -18.20
C ASN C 77 23.76 11.16 -17.72
N THR C 78 23.80 12.21 -18.54
CA THR C 78 23.27 13.51 -18.17
C THR C 78 22.43 14.13 -19.29
N LEU C 79 21.28 14.70 -18.89
CA LEU C 79 20.35 15.44 -19.75
C LEU C 79 20.45 16.93 -19.35
N TYR C 80 20.41 17.82 -20.34
CA TYR C 80 20.50 19.25 -20.10
C TYR C 80 19.33 20.02 -20.64
N LEU C 81 19.11 21.20 -20.09
CA LEU C 81 18.14 22.15 -20.61
C LEU C 81 18.73 23.56 -20.51
N GLU C 82 19.16 24.13 -21.64
CA GLU C 82 19.68 25.49 -21.66
C GLU C 82 18.48 26.38 -21.81
N MET C 83 18.33 27.33 -20.90
CA MET C 83 17.19 28.23 -20.91
C MET C 83 17.70 29.65 -21.03
N ASN C 84 17.28 30.38 -22.07
CA ASN C 84 17.68 31.76 -22.37
C ASN C 84 16.51 32.69 -22.35
N ASN C 85 16.77 34.02 -22.19
CA ASN C 85 15.78 35.09 -22.12
C ASN C 85 14.61 34.70 -21.21
N LEU C 86 14.95 34.35 -19.96
CA LEU C 86 13.91 33.89 -19.03
C LEU C 86 12.97 34.99 -18.62
N ARG C 87 11.68 34.64 -18.38
CA ARG C 87 10.69 35.62 -17.92
C ARG C 87 9.89 35.02 -16.77
N GLY C 88 9.10 35.82 -16.08
CA GLY C 88 8.28 35.39 -14.94
C GLY C 88 7.41 34.18 -15.23
N GLU C 89 7.03 33.98 -16.50
CA GLU C 89 6.19 32.88 -16.96
C GLU C 89 6.94 31.52 -16.97
N ASP C 90 8.27 31.58 -16.88
CA ASP C 90 9.14 30.42 -16.86
C ASP C 90 9.40 29.96 -15.41
N THR C 91 8.99 30.77 -14.41
CA THR C 91 9.15 30.39 -12.99
C THR C 91 8.33 29.12 -12.76
N ALA C 92 8.99 28.04 -12.32
CA ALA C 92 8.31 26.75 -12.12
C ALA C 92 9.29 25.73 -11.60
N VAL C 93 8.76 24.58 -11.13
CA VAL C 93 9.60 23.43 -10.81
C VAL C 93 9.84 22.70 -12.16
N TYR C 94 11.09 22.35 -12.46
CA TYR C 94 11.43 21.62 -13.69
C TYR C 94 11.80 20.22 -13.37
N TYR C 95 11.06 19.27 -13.98
CA TYR C 95 11.32 17.85 -13.81
C TYR C 95 11.90 17.24 -15.05
N CYS C 96 12.74 16.26 -14.88
CA CYS C 96 13.19 15.43 -15.98
C CYS C 96 12.56 14.06 -15.76
N ALA C 97 12.17 13.39 -16.85
CA ALA C 97 11.48 12.11 -16.78
C ALA C 97 12.00 11.23 -17.90
N ARG C 98 12.12 9.93 -17.63
CA ARG C 98 12.58 8.92 -18.60
C ARG C 98 11.36 8.39 -19.34
N GLY C 99 11.42 8.37 -20.66
CA GLY C 99 10.31 7.86 -21.47
C GLY C 99 10.43 6.37 -21.68
N ASP C 100 9.37 5.62 -21.38
CA ASP C 100 9.32 4.17 -21.66
C ASP C 100 7.91 4.00 -22.23
N GLY C 101 6.99 3.35 -21.51
CA GLY C 101 5.60 3.31 -21.93
C GLY C 101 5.02 4.72 -21.87
N GLY C 102 5.28 5.39 -20.75
CA GLY C 102 4.89 6.78 -20.53
C GLY C 102 6.09 7.53 -19.99
N LEU C 103 5.87 8.61 -19.24
CA LEU C 103 6.98 9.33 -18.61
C LEU C 103 7.13 8.72 -17.27
N ASP C 104 8.18 7.99 -17.03
CA ASP C 104 8.44 7.36 -15.80
CA ASP C 104 8.65 7.26 -15.88
C ASP C 104 9.73 7.93 -15.02
N ASP C 105 9.83 7.56 -13.83
CA ASP C 105 10.98 7.79 -12.95
C ASP C 105 11.35 9.24 -12.70
N TRP C 106 10.36 10.12 -12.75
CA TRP C 106 10.52 11.56 -12.54
C TRP C 106 11.46 11.86 -11.38
N GLY C 107 12.27 12.89 -11.56
CA GLY C 107 13.14 13.34 -10.49
C GLY C 107 12.31 14.15 -9.51
N GLN C 108 12.95 14.67 -8.43
CA GLN C 108 12.26 15.49 -7.45
C GLN C 108 11.94 16.89 -7.96
N GLY C 109 12.62 17.30 -9.03
CA GLY C 109 12.39 18.61 -9.62
C GLY C 109 13.35 19.64 -9.08
N THR C 110 13.60 20.70 -9.87
CA THR C 110 14.48 21.82 -9.48
C THR C 110 13.71 23.13 -9.73
N LEU C 111 13.58 24.00 -8.71
CA LEU C 111 12.82 25.22 -8.87
C LEU C 111 13.61 26.31 -9.55
N VAL C 112 13.01 26.92 -10.58
CA VAL C 112 13.60 28.07 -11.28
C VAL C 112 12.72 29.25 -10.94
N THR C 113 13.31 30.31 -10.39
CA THR C 113 12.60 31.53 -10.04
C THR C 113 13.18 32.67 -10.88
N VAL C 114 12.33 33.30 -11.72
CA VAL C 114 12.76 34.41 -12.59
C VAL C 114 12.22 35.69 -12.01
N SER C 115 13.11 36.47 -11.40
CA SER C 115 12.67 37.64 -10.65
C SER C 115 13.84 38.54 -10.44
N SER C 116 13.55 39.83 -10.21
CA SER C 116 14.57 40.82 -9.89
C SER C 116 14.64 40.97 -8.35
N ALA C 117 13.79 40.22 -7.60
CA ALA C 117 13.80 40.30 -6.13
C ALA C 117 15.08 39.67 -5.55
N SER C 118 15.52 40.18 -4.40
CA SER C 118 16.74 39.71 -3.71
C SER C 118 16.54 38.44 -2.87
N THR C 119 17.57 37.61 -2.81
CA THR C 119 17.61 36.46 -1.90
C THR C 119 17.56 37.01 -0.46
N LYS C 120 16.70 36.44 0.38
CA LYS C 120 16.60 36.85 1.79
C LYS C 120 16.31 35.64 2.65
N GLY C 121 17.10 35.47 3.71
CA GLY C 121 16.94 34.34 4.62
C GLY C 121 15.84 34.60 5.65
N PRO C 122 15.14 33.55 6.12
CA PRO C 122 14.05 33.79 7.06
C PRO C 122 14.48 33.97 8.51
N SER C 123 13.56 34.48 9.35
CA SER C 123 13.69 34.44 10.80
C SER C 123 12.77 33.30 11.22
N VAL C 124 13.13 32.58 12.26
CA VAL C 124 12.28 31.48 12.72
C VAL C 124 11.80 31.85 14.11
N PHE C 125 10.48 31.86 14.32
CA PHE C 125 9.92 32.23 15.62
C PHE C 125 9.12 31.07 16.19
N PRO C 126 9.02 30.97 17.53
CA PRO C 126 8.24 29.88 18.11
C PRO C 126 6.74 30.14 18.11
N LEU C 127 5.97 29.06 17.95
CA LEU C 127 4.52 29.04 18.15
C LEU C 127 4.42 28.18 19.41
N ALA C 128 4.48 28.85 20.56
CA ALA C 128 4.62 28.12 21.84
C ALA C 128 3.34 27.47 22.33
N PRO C 129 3.45 26.22 22.88
CA PRO C 129 2.24 25.55 23.36
C PRO C 129 1.65 26.26 24.55
N SER C 130 0.32 26.36 24.53
CA SER C 130 -0.53 27.01 25.52
C SER C 130 -0.26 26.49 26.93
N SER C 131 -0.38 27.40 27.89
CA SER C 131 -0.26 27.13 29.33
C SER C 131 -1.58 26.47 29.80
N LYS C 132 -2.66 26.72 29.08
CA LYS C 132 -3.93 26.09 29.37
C LYS C 132 -4.20 24.91 28.48
N SER C 133 -3.15 24.23 28.07
CA SER C 133 -3.28 23.00 27.32
C SER C 133 -4.00 22.03 28.22
N THR C 134 -4.85 21.30 27.74
CA THR C 134 -5.69 20.42 28.53
C THR C 134 -4.86 19.32 29.12
N SER C 135 -4.89 19.16 30.32
CA SER C 135 -4.07 18.12 30.90
C SER C 135 -4.59 16.75 30.55
N GLY C 136 -3.69 15.84 30.23
CA GLY C 136 -4.14 14.54 29.79
C GLY C 136 -4.58 14.52 28.35
N GLY C 137 -4.68 15.70 27.75
CA GLY C 137 -5.08 15.89 26.37
C GLY C 137 -3.98 16.14 25.34
N THR C 138 -4.33 16.89 24.31
CA THR C 138 -3.46 17.26 23.18
C THR C 138 -3.08 18.74 23.19
N ALA C 139 -1.78 19.02 22.95
CA ALA C 139 -1.25 20.38 22.85
C ALA C 139 -0.73 20.60 21.43
N ALA C 140 -0.67 21.86 20.95
CA ALA C 140 -0.07 22.16 19.64
C ALA C 140 1.08 23.12 19.82
N LEU C 141 2.11 22.95 19.00
CA LEU C 141 3.25 23.87 19.02
C LEU C 141 3.79 23.93 17.61
N GLY C 142 4.62 24.91 17.33
CA GLY C 142 5.17 24.98 15.99
C GLY C 142 6.27 26.01 15.84
N CYS C 143 6.64 26.26 14.59
CA CYS C 143 7.61 27.27 14.20
C CYS C 143 7.04 28.11 13.07
N LEU C 144 7.22 29.41 13.15
CA LEU C 144 6.82 30.35 12.07
C LEU C 144 8.10 30.74 11.35
N VAL C 145 8.21 30.42 10.05
CA VAL C 145 9.39 30.67 9.24
C VAL C 145 9.05 31.89 8.40
N LYS C 146 9.47 33.08 8.83
CA LYS C 146 9.00 34.31 8.20
C LYS C 146 9.98 35.07 7.35
N ASP C 147 9.47 35.63 6.24
CA ASP C 147 10.15 36.60 5.38
C ASP C 147 11.36 36.07 4.66
N TYR C 148 11.13 35.22 3.70
CA TYR C 148 12.24 34.67 2.91
C TYR C 148 11.94 34.72 1.42
N PHE C 149 13.00 34.61 0.64
CA PHE C 149 12.86 34.61 -0.82
C PHE C 149 14.17 34.09 -1.38
N PRO C 150 14.14 33.30 -2.47
CA PRO C 150 12.95 32.72 -3.13
C PRO C 150 12.50 31.50 -2.31
N GLU C 151 11.56 30.74 -2.85
CA GLU C 151 11.22 29.45 -2.26
C GLU C 151 12.35 28.48 -2.66
N PRO C 152 12.53 27.30 -2.02
CA PRO C 152 11.73 26.74 -0.92
C PRO C 152 12.47 26.73 0.42
N VAL C 153 11.71 26.39 1.44
CA VAL C 153 12.21 26.16 2.78
CA VAL C 153 12.16 26.19 2.83
C VAL C 153 11.74 24.76 3.16
N THR C 154 12.57 24.01 3.90
CA THR C 154 12.19 22.67 4.39
C THR C 154 12.16 22.75 5.90
N VAL C 155 11.25 21.96 6.50
CA VAL C 155 11.14 21.89 7.95
C VAL C 155 11.00 20.42 8.35
N SER C 156 11.77 20.01 9.36
CA SER C 156 11.58 18.68 9.95
C SER C 156 11.51 18.92 11.45
N TRP C 157 11.08 17.91 12.23
CA TRP C 157 10.99 18.03 13.68
C TRP C 157 11.86 16.95 14.27
N ASN C 158 12.65 17.36 15.26
CA ASN C 158 13.57 16.43 15.98
C ASN C 158 14.39 15.61 15.03
N SER C 159 14.96 16.27 14.02
CA SER C 159 15.82 15.66 12.99
C SER C 159 15.13 14.53 12.20
N GLY C 160 13.81 14.62 12.08
CA GLY C 160 13.03 13.60 11.37
C GLY C 160 12.49 12.47 12.22
N ALA C 161 12.77 12.48 13.55
CA ALA C 161 12.28 11.45 14.48
C ALA C 161 10.80 11.69 14.79
N LEU C 162 10.32 12.95 14.61
CA LEU C 162 8.94 13.31 14.88
C LEU C 162 8.24 13.63 13.57
N THR C 163 7.30 12.75 13.15
CA THR C 163 6.59 12.91 11.88
C THR C 163 5.07 12.85 12.07
N SER C 164 4.62 12.04 13.05
CA SER C 164 3.20 11.87 13.36
C SER C 164 2.64 13.21 13.89
N GLY C 165 1.51 13.63 13.33
CA GLY C 165 0.84 14.84 13.76
C GLY C 165 1.45 16.15 13.28
N VAL C 166 2.48 16.06 12.40
CA VAL C 166 3.14 17.26 11.84
C VAL C 166 2.31 17.76 10.66
N HIS C 167 2.13 19.09 10.59
CA HIS C 167 1.55 19.77 9.43
C HIS C 167 2.45 20.93 9.04
N THR C 168 3.09 20.83 7.90
CA THR C 168 3.91 21.94 7.42
C THR C 168 3.10 22.59 6.29
N PHE C 169 2.68 23.82 6.52
CA PHE C 169 1.78 24.47 5.55
C PHE C 169 2.47 24.94 4.31
N PRO C 170 1.71 24.96 3.19
CA PRO C 170 2.22 25.64 1.98
C PRO C 170 2.62 27.09 2.31
N ALA C 171 3.70 27.58 1.68
CA ALA C 171 4.13 28.94 1.92
C ALA C 171 3.12 29.90 1.34
N VAL C 172 3.02 31.05 1.95
CA VAL C 172 2.15 32.12 1.48
C VAL C 172 3.02 33.29 1.04
N LEU C 173 2.71 33.90 -0.11
CA LEU C 173 3.43 35.07 -0.59
C LEU C 173 2.77 36.29 0.04
N GLN C 174 3.54 37.05 0.86
CA GLN C 174 3.06 38.25 1.56
C GLN C 174 3.03 39.43 0.61
N SER C 175 2.31 40.52 0.98
CA SER C 175 2.28 41.70 0.09
C SER C 175 3.65 42.36 -0.08
N SER C 176 4.60 42.09 0.85
CA SER C 176 6.00 42.54 0.80
C SER C 176 6.80 41.82 -0.35
N GLY C 177 6.25 40.73 -0.86
CA GLY C 177 6.89 39.93 -1.90
C GLY C 177 7.83 38.88 -1.30
N LEU C 178 7.72 38.68 0.02
CA LEU C 178 8.48 37.66 0.75
C LEU C 178 7.53 36.56 1.16
N TYR C 179 8.04 35.33 1.26
CA TYR C 179 7.22 34.21 1.68
C TYR C 179 7.23 34.04 3.18
N SER C 180 6.21 33.34 3.69
CA SER C 180 6.19 32.94 5.09
C SER C 180 5.50 31.59 5.17
N LEU C 181 5.94 30.73 6.10
CA LEU C 181 5.21 29.48 6.32
C LEU C 181 5.29 29.07 7.77
N SER C 182 4.35 28.27 8.21
CA SER C 182 4.38 27.71 9.57
C SER C 182 4.37 26.20 9.47
N SER C 183 4.99 25.56 10.49
CA SER C 183 4.96 24.10 10.65
C SER C 183 4.53 23.87 12.06
N VAL C 184 3.53 23.01 12.26
CA VAL C 184 3.00 22.73 13.60
C VAL C 184 3.00 21.24 13.85
N VAL C 185 2.90 20.87 15.10
CA VAL C 185 2.73 19.47 15.51
C VAL C 185 1.81 19.43 16.73
N THR C 186 0.93 18.41 16.81
CA THR C 186 0.11 18.17 17.99
C THR C 186 0.79 17.02 18.71
N VAL C 187 0.90 17.15 20.02
CA VAL C 187 1.61 16.20 20.87
C VAL C 187 0.83 16.05 22.19
N PRO C 188 1.10 15.00 23.00
CA PRO C 188 0.39 14.89 24.29
C PRO C 188 0.74 16.05 25.23
N SER C 189 -0.26 16.64 25.90
CA SER C 189 -0.01 17.72 26.86
C SER C 189 0.97 17.24 27.95
N SER C 190 0.93 15.92 28.29
CA SER C 190 1.80 15.30 29.31
C SER C 190 3.30 15.30 28.94
N SER C 191 3.60 15.43 27.63
CA SER C 191 4.97 15.42 27.14
C SER C 191 5.65 16.79 27.20
N LEU C 192 4.88 17.87 27.43
CA LEU C 192 5.42 19.24 27.38
C LEU C 192 6.56 19.53 28.40
N GLY C 193 6.47 18.95 29.58
CA GLY C 193 7.53 19.13 30.57
C GLY C 193 8.83 18.38 30.30
N THR C 194 8.75 17.20 29.67
CA THR C 194 9.90 16.29 29.50
C THR C 194 10.44 16.06 28.06
N GLN C 195 9.59 16.12 27.03
CA GLN C 195 10.04 15.87 25.66
C GLN C 195 10.49 17.17 24.97
N THR C 196 11.69 17.19 24.37
CA THR C 196 12.12 18.42 23.67
CA THR C 196 12.20 18.37 23.65
C THR C 196 11.61 18.37 22.24
N TYR C 197 11.19 19.54 21.74
CA TYR C 197 10.66 19.66 20.36
C TYR C 197 11.48 20.72 19.66
N ILE C 198 12.18 20.31 18.62
CA ILE C 198 13.02 21.22 17.85
C ILE C 198 12.61 21.20 16.40
N CYS C 199 12.37 22.37 15.78
CA CYS C 199 12.09 22.37 14.34
C CYS C 199 13.41 22.71 13.65
N ASN C 200 13.74 21.94 12.61
CA ASN C 200 14.98 22.07 11.86
C ASN C 200 14.59 22.70 10.53
N VAL C 201 14.97 23.94 10.38
CA VAL C 201 14.59 24.74 9.20
C VAL C 201 15.80 24.95 8.31
N ASN C 202 15.62 24.81 6.99
CA ASN C 202 16.72 25.10 6.07
CA ASN C 202 16.67 25.02 5.99
C ASN C 202 16.14 25.88 4.89
N HIS C 203 16.80 26.97 4.58
CA HIS C 203 16.45 27.80 3.43
C HIS C 203 17.74 27.76 2.61
N LYS C 204 17.95 26.65 1.88
CA LYS C 204 19.17 26.49 1.07
C LYS C 204 19.45 27.69 0.14
N PRO C 205 18.44 28.37 -0.47
CA PRO C 205 18.78 29.50 -1.36
C PRO C 205 19.57 30.61 -0.70
N SER C 206 19.40 30.82 0.64
CA SER C 206 20.13 31.88 1.33
C SER C 206 21.22 31.35 2.25
N ASN C 207 21.45 30.03 2.25
CA ASN C 207 22.45 29.36 3.11
C ASN C 207 22.06 29.52 4.60
N THR C 208 20.74 29.45 4.90
CA THR C 208 20.23 29.64 6.28
C THR C 208 19.80 28.28 6.86
N LYS C 209 20.41 27.84 7.98
CA LYS C 209 20.06 26.58 8.64
C LYS C 209 19.85 26.95 10.10
N VAL C 210 18.66 26.64 10.66
CA VAL C 210 18.31 27.03 12.04
C VAL C 210 17.66 25.84 12.70
N ASP C 211 17.99 25.62 13.98
CA ASP C 211 17.27 24.64 14.82
C ASP C 211 16.63 25.48 15.89
N LYS C 212 15.29 25.41 16.03
CA LYS C 212 14.57 26.18 17.01
CA LYS C 212 14.59 26.19 17.03
C LYS C 212 13.88 25.26 18.01
N LYS C 213 14.24 25.36 19.29
CA LYS C 213 13.59 24.53 20.30
C LYS C 213 12.35 25.35 20.68
N VAL C 214 11.20 24.67 20.76
CA VAL C 214 9.92 25.28 21.09
C VAL C 214 9.37 24.65 22.37
N GLU C 215 9.06 25.50 23.33
CA GLU C 215 8.54 25.02 24.63
C GLU C 215 7.51 26.00 25.21
N PRO C 216 6.74 25.60 26.28
CA PRO C 216 5.81 26.56 26.93
C PRO C 216 6.54 27.82 27.37
N LYS C 217 5.92 28.99 27.19
CA LYS C 217 6.50 30.26 27.56
C LYS C 217 6.39 30.39 29.08
N SER C 218 7.47 30.79 29.75
CA SER C 218 7.45 30.97 31.20
C SER C 218 6.84 32.34 31.55
N CYS C 219 5.94 32.36 32.53
CA CYS C 219 5.25 33.57 33.00
C CYS C 219 4.97 33.52 34.50
N ASP D 1 -1.20 21.27 -32.44
CA ASP D 1 -1.10 20.84 -31.05
C ASP D 1 -2.40 20.24 -30.56
N ILE D 2 -2.32 19.00 -30.02
CA ILE D 2 -3.46 18.26 -29.49
C ILE D 2 -3.83 18.83 -28.11
N GLN D 3 -5.12 19.12 -27.90
CA GLN D 3 -5.62 19.61 -26.62
C GLN D 3 -6.32 18.47 -25.88
N LEU D 4 -6.00 18.33 -24.58
CA LEU D 4 -6.61 17.34 -23.71
C LEU D 4 -7.45 18.09 -22.69
N THR D 5 -8.73 17.68 -22.54
CA THR D 5 -9.67 18.29 -21.60
C THR D 5 -10.18 17.21 -20.69
N GLN D 6 -10.03 17.43 -19.38
CA GLN D 6 -10.47 16.47 -18.38
C GLN D 6 -11.79 16.91 -17.82
N SER D 7 -12.59 15.93 -17.39
CA SER D 7 -13.89 16.17 -16.77
CA SER D 7 -13.89 16.17 -16.77
C SER D 7 -14.13 15.16 -15.64
N PRO D 8 -14.52 15.61 -14.42
CA PRO D 8 -14.72 17.01 -13.99
C PRO D 8 -13.36 17.64 -13.65
N ASP D 9 -13.35 18.88 -13.17
CA ASP D 9 -12.12 19.55 -12.76
C ASP D 9 -11.77 19.05 -11.37
N SER D 10 -12.81 18.65 -10.62
CA SER D 10 -12.69 18.16 -9.25
C SER D 10 -13.89 17.29 -8.92
N LEU D 11 -13.70 16.34 -8.01
CA LEU D 11 -14.74 15.46 -7.50
C LEU D 11 -14.40 14.97 -6.13
N ALA D 12 -15.43 14.79 -5.31
CA ALA D 12 -15.36 14.28 -3.95
C ALA D 12 -16.05 12.93 -3.98
N VAL D 13 -15.32 11.87 -3.65
CA VAL D 13 -15.80 10.46 -3.72
C VAL D 13 -15.57 9.81 -2.37
N SER D 14 -16.54 9.04 -1.88
CA SER D 14 -16.43 8.36 -0.59
C SER D 14 -15.51 7.17 -0.72
N LEU D 15 -14.89 6.76 0.38
CA LEU D 15 -14.01 5.59 0.39
C LEU D 15 -14.82 4.36 0.03
N GLY D 16 -14.24 3.52 -0.80
CA GLY D 16 -14.87 2.28 -1.26
C GLY D 16 -15.74 2.45 -2.47
N GLU D 17 -15.93 3.70 -2.93
CA GLU D 17 -16.72 4.01 -4.11
C GLU D 17 -15.86 4.10 -5.35
N ARG D 18 -16.49 4.28 -6.50
CA ARG D 18 -15.82 4.37 -7.79
C ARG D 18 -15.64 5.84 -8.19
N ALA D 19 -14.41 6.19 -8.58
CA ALA D 19 -14.12 7.52 -9.07
C ALA D 19 -13.86 7.40 -10.56
N THR D 20 -14.50 8.23 -11.34
CA THR D 20 -14.39 8.27 -12.80
C THR D 20 -13.91 9.65 -13.23
N ILE D 21 -12.84 9.65 -13.99
CA ILE D 21 -12.22 10.86 -14.51
C ILE D 21 -12.11 10.68 -16.00
N ASN D 22 -12.64 11.61 -16.76
CA ASN D 22 -12.55 11.51 -18.21
C ASN D 22 -11.49 12.40 -18.81
N CYS D 23 -11.00 12.03 -20.00
CA CYS D 23 -10.01 12.76 -20.77
C CYS D 23 -10.50 12.72 -22.21
N LYS D 24 -10.76 13.91 -22.77
CA LYS D 24 -11.19 14.11 -24.15
C LYS D 24 -10.03 14.71 -24.94
N SER D 25 -9.62 14.03 -26.01
CA SER D 25 -8.55 14.46 -26.92
C SER D 25 -9.17 15.26 -28.09
N SER D 26 -8.48 16.33 -28.56
CA SER D 26 -8.97 17.18 -29.67
C SER D 26 -8.89 16.48 -31.04
N GLN D 27 -8.24 15.32 -31.08
CA GLN D 27 -8.08 14.47 -32.26
C GLN D 27 -7.63 13.08 -31.84
N SER D 28 -7.90 12.07 -32.67
CA SER D 28 -7.54 10.68 -32.36
C SER D 28 -6.06 10.56 -32.03
N ILE D 29 -5.77 9.78 -30.99
CA ILE D 29 -4.41 9.46 -30.55
C ILE D 29 -4.18 7.94 -30.66
N PHE D 30 -4.98 7.28 -31.55
CA PHE D 30 -4.82 5.85 -31.81
C PHE D 30 -3.75 5.67 -32.90
N ARG D 31 -2.69 4.91 -32.60
CA ARG D 31 -1.62 4.64 -33.56
C ARG D 31 -1.82 3.24 -34.16
N THR D 32 -2.49 3.20 -35.33
CA THR D 32 -2.82 1.96 -36.10
C THR D 32 -1.65 0.96 -36.18
N SER D 33 -0.46 1.45 -36.56
CA SER D 33 0.78 0.68 -36.72
C SER D 33 1.25 -0.04 -35.47
N ARG D 34 1.01 0.56 -34.27
CA ARG D 34 1.42 -0.06 -33.00
C ARG D 34 0.27 -0.86 -32.39
N ASN D 35 -0.97 -0.54 -32.80
CA ASN D 35 -2.24 -1.09 -32.32
C ASN D 35 -2.45 -0.65 -30.86
N LYS D 36 -2.17 0.66 -30.59
CA LYS D 36 -2.25 1.27 -29.26
C LYS D 36 -2.74 2.73 -29.30
N ASN D 37 -3.55 3.15 -28.30
CA ASN D 37 -3.98 4.55 -28.11
C ASN D 37 -2.91 5.10 -27.16
N LEU D 38 -2.20 6.16 -27.54
CA LEU D 38 -1.08 6.64 -26.74
C LEU D 38 -1.48 7.71 -25.75
N LEU D 39 -2.13 7.26 -24.67
CA LEU D 39 -2.58 8.10 -23.56
C LEU D 39 -2.01 7.56 -22.26
N ASN D 40 -1.51 8.48 -21.42
CA ASN D 40 -0.90 8.15 -20.15
C ASN D 40 -1.71 8.75 -19.05
N TRP D 41 -1.74 8.09 -17.89
CA TRP D 41 -2.39 8.64 -16.71
C TRP D 41 -1.35 8.75 -15.62
N TYR D 42 -1.41 9.87 -14.88
CA TYR D 42 -0.51 10.16 -13.74
C TYR D 42 -1.29 10.52 -12.53
N GLN D 43 -0.71 10.22 -11.37
CA GLN D 43 -1.22 10.60 -10.07
C GLN D 43 -0.14 11.53 -9.50
N GLN D 44 -0.55 12.66 -8.93
CA GLN D 44 0.38 13.57 -8.29
C GLN D 44 -0.12 14.12 -6.97
N ARG D 45 0.72 14.00 -5.95
CA ARG D 45 0.51 14.56 -4.62
C ARG D 45 1.18 15.93 -4.75
N PRO D 46 0.44 17.08 -4.77
CA PRO D 46 1.11 18.39 -4.97
C PRO D 46 2.43 18.56 -4.21
N GLY D 47 3.46 18.98 -4.93
CA GLY D 47 4.80 19.14 -4.38
C GLY D 47 5.69 17.92 -4.55
N GLN D 48 5.08 16.72 -4.81
CA GLN D 48 5.80 15.47 -5.02
C GLN D 48 5.86 15.22 -6.52
N PRO D 49 6.79 14.39 -7.03
CA PRO D 49 6.83 14.13 -8.46
C PRO D 49 5.59 13.34 -8.91
N PRO D 50 5.12 13.55 -10.15
CA PRO D 50 4.03 12.72 -10.67
C PRO D 50 4.47 11.25 -10.74
N ARG D 51 3.49 10.36 -10.64
CA ARG D 51 3.69 8.92 -10.68
C ARG D 51 2.91 8.39 -11.89
N LEU D 52 3.59 7.68 -12.78
CA LEU D 52 2.93 7.07 -13.93
C LEU D 52 2.11 5.90 -13.46
N LEU D 53 0.83 5.91 -13.81
CA LEU D 53 -0.10 4.86 -13.43
C LEU D 53 -0.30 3.92 -14.60
N ILE D 54 -0.64 4.50 -15.75
CA ILE D 54 -1.06 3.78 -16.95
C ILE D 54 -0.46 4.38 -18.23
N HIS D 55 -0.06 3.53 -19.16
CA HIS D 55 0.40 3.98 -20.48
C HIS D 55 -0.33 3.12 -21.53
N TRP D 56 -0.34 3.56 -22.80
CA TRP D 56 -1.07 2.89 -23.92
C TRP D 56 -2.56 2.79 -23.56
N ALA D 57 -3.06 3.81 -22.84
CA ALA D 57 -4.42 3.98 -22.32
C ALA D 57 -4.88 2.90 -21.34
N SER D 58 -4.36 1.65 -21.35
CA SER D 58 -4.89 0.60 -20.45
C SER D 58 -3.85 -0.30 -19.79
N THR D 59 -2.56 -0.13 -20.13
CA THR D 59 -1.53 -0.97 -19.50
C THR D 59 -1.03 -0.30 -18.24
N ARG D 60 -1.17 -0.98 -17.10
CA ARG D 60 -0.68 -0.47 -15.83
C ARG D 60 0.83 -0.59 -15.81
N LYS D 61 1.49 0.37 -15.16
CA LYS D 61 2.93 0.32 -14.92
C LYS D 61 3.10 -0.67 -13.74
N SER D 62 4.28 -1.31 -13.65
CA SER D 62 4.63 -2.26 -12.60
C SER D 62 4.43 -1.64 -11.22
N GLY D 63 3.77 -2.41 -10.35
CA GLY D 63 3.50 -2.01 -8.98
C GLY D 63 2.22 -1.22 -8.78
N VAL D 64 1.58 -0.78 -9.87
CA VAL D 64 0.35 0.01 -9.80
C VAL D 64 -0.82 -0.93 -9.42
N PRO D 65 -1.54 -0.65 -8.30
CA PRO D 65 -2.66 -1.53 -7.89
C PRO D 65 -3.72 -1.71 -8.97
N ASP D 66 -4.36 -2.89 -9.01
CA ASP D 66 -5.40 -3.21 -9.99
C ASP D 66 -6.61 -2.27 -9.93
N ARG D 67 -6.86 -1.56 -8.80
CA ARG D 67 -8.03 -0.66 -8.74
C ARG D 67 -7.92 0.53 -9.69
N PHE D 68 -6.71 0.79 -10.22
CA PHE D 68 -6.49 1.85 -11.20
C PHE D 68 -6.61 1.21 -12.56
N SER D 69 -7.65 1.56 -13.33
CA SER D 69 -7.84 0.99 -14.66
C SER D 69 -8.14 2.06 -15.68
N GLY D 70 -7.46 1.96 -16.81
CA GLY D 70 -7.65 2.87 -17.91
C GLY D 70 -8.44 2.23 -19.01
N SER D 71 -9.32 3.00 -19.66
CA SER D 71 -10.15 2.50 -20.74
C SER D 71 -10.39 3.61 -21.73
N GLY D 72 -11.01 3.27 -22.86
CA GLY D 72 -11.32 4.25 -23.89
C GLY D 72 -10.65 4.01 -25.22
N PHE D 73 -11.01 4.83 -26.20
CA PHE D 73 -10.52 4.71 -27.56
C PHE D 73 -10.69 6.00 -28.32
N GLY D 74 -9.78 6.22 -29.27
CA GLY D 74 -9.80 7.34 -30.19
C GLY D 74 -9.54 8.67 -29.55
N THR D 75 -10.62 9.32 -29.06
CA THR D 75 -10.61 10.65 -28.45
C THR D 75 -11.23 10.69 -27.05
N ASP D 76 -11.76 9.57 -26.54
CA ASP D 76 -12.41 9.58 -25.23
C ASP D 76 -11.86 8.49 -24.35
N PHE D 77 -11.34 8.91 -23.19
CA PHE D 77 -10.64 8.05 -22.27
C PHE D 77 -11.09 8.19 -20.85
N THR D 78 -10.84 7.15 -20.05
CA THR D 78 -11.31 7.16 -18.68
C THR D 78 -10.32 6.50 -17.77
N LEU D 79 -10.14 7.11 -16.60
CA LEU D 79 -9.37 6.49 -15.54
C LEU D 79 -10.46 6.21 -14.53
N THR D 80 -10.59 4.94 -14.16
CA THR D 80 -11.55 4.51 -13.19
C THR D 80 -10.78 4.00 -11.99
N ILE D 81 -11.11 4.51 -10.83
CA ILE D 81 -10.52 4.01 -9.61
C ILE D 81 -11.64 3.34 -8.90
N THR D 82 -11.61 2.00 -8.85
CA THR D 82 -12.68 1.28 -8.16
C THR D 82 -12.26 1.18 -6.72
N SER D 83 -13.22 0.93 -5.78
CA SER D 83 -12.92 0.79 -4.35
CA SER D 83 -12.90 0.79 -4.35
C SER D 83 -11.87 1.84 -3.90
N LEU D 84 -12.21 3.12 -4.07
CA LEU D 84 -11.31 4.22 -3.70
C LEU D 84 -10.76 4.11 -2.30
N GLN D 85 -9.41 4.29 -2.13
CA GLN D 85 -8.76 4.21 -0.82
C GLN D 85 -8.26 5.61 -0.44
N ALA D 86 -8.12 5.85 0.88
CA ALA D 86 -7.72 7.18 1.40
C ALA D 86 -6.39 7.66 0.81
N GLU D 87 -5.46 6.72 0.54
CA GLU D 87 -4.16 7.09 -0.03
C GLU D 87 -4.19 7.51 -1.51
N ASP D 88 -5.35 7.40 -2.19
CA ASP D 88 -5.49 7.75 -3.60
C ASP D 88 -5.79 9.24 -3.77
N VAL D 89 -5.93 9.98 -2.66
CA VAL D 89 -6.17 11.43 -2.75
C VAL D 89 -4.97 12.05 -3.52
N ALA D 90 -5.29 12.74 -4.62
CA ALA D 90 -4.29 13.31 -5.51
C ALA D 90 -4.96 14.11 -6.59
N ILE D 91 -4.14 14.72 -7.42
CA ILE D 91 -4.56 15.35 -8.67
C ILE D 91 -4.12 14.36 -9.76
N TYR D 92 -5.05 14.03 -10.69
CA TYR D 92 -4.79 13.07 -11.76
C TYR D 92 -4.71 13.79 -13.09
N TYR D 93 -3.73 13.43 -13.92
CA TYR D 93 -3.51 14.03 -15.21
C TYR D 93 -3.44 12.99 -16.28
N CYS D 94 -4.07 13.29 -17.40
CA CYS D 94 -3.88 12.46 -18.58
C CYS D 94 -2.85 13.18 -19.44
N GLN D 95 -2.18 12.48 -20.32
CA GLN D 95 -1.20 13.06 -21.22
C GLN D 95 -1.21 12.26 -22.51
N GLN D 96 -1.10 12.91 -23.66
CA GLN D 96 -0.99 12.20 -24.93
C GLN D 96 0.49 12.06 -25.33
N TYR D 97 0.89 10.88 -25.80
CA TYR D 97 2.25 10.57 -26.20
C TYR D 97 2.25 10.21 -27.72
N PHE D 98 1.33 10.82 -28.46
CA PHE D 98 1.09 10.56 -29.89
C PHE D 98 2.00 11.40 -30.78
N SER D 99 1.91 12.75 -30.65
CA SER D 99 2.75 13.67 -31.40
C SER D 99 3.18 14.86 -30.55
N PRO D 100 4.45 15.30 -30.63
CA PRO D 100 4.89 16.47 -29.84
C PRO D 100 4.22 17.79 -30.26
N PRO D 101 3.93 18.75 -29.34
CA PRO D 101 4.17 18.73 -27.88
C PRO D 101 3.28 17.70 -27.18
N TYR D 102 3.89 16.86 -26.31
CA TYR D 102 3.22 15.78 -25.59
C TYR D 102 2.41 16.33 -24.41
N THR D 103 1.33 17.02 -24.76
CA THR D 103 0.41 17.78 -23.91
C THR D 103 -0.31 16.96 -22.86
N PHE D 104 -0.55 17.62 -21.71
CA PHE D 104 -1.26 17.11 -20.56
C PHE D 104 -2.64 17.76 -20.51
N GLY D 105 -3.58 17.09 -19.84
CA GLY D 105 -4.88 17.69 -19.53
C GLY D 105 -4.65 18.69 -18.41
N GLN D 106 -5.70 19.43 -18.01
CA GLN D 106 -5.56 20.45 -16.96
C GLN D 106 -5.48 19.84 -15.53
N GLY D 107 -5.76 18.53 -15.45
CA GLY D 107 -5.76 17.78 -14.20
C GLY D 107 -7.11 17.80 -13.52
N THR D 108 -7.38 16.75 -12.73
CA THR D 108 -8.62 16.62 -11.98
C THR D 108 -8.24 16.36 -10.54
N LYS D 109 -8.71 17.22 -9.64
CA LYS D 109 -8.50 17.06 -8.22
C LYS D 109 -9.48 16.07 -7.60
N LEU D 110 -8.97 14.94 -7.12
CA LEU D 110 -9.77 13.92 -6.46
C LEU D 110 -9.70 14.09 -4.94
N GLU D 111 -10.86 14.44 -4.35
CA GLU D 111 -11.03 14.65 -2.92
C GLU D 111 -11.77 13.46 -2.35
N ILE D 112 -11.45 13.10 -1.14
CA ILE D 112 -12.12 12.03 -0.42
C ILE D 112 -13.27 12.65 0.38
N LYS D 113 -14.48 12.08 0.22
CA LYS D 113 -15.64 12.52 0.98
C LYS D 113 -15.70 11.65 2.22
N ARG D 114 -15.72 12.25 3.40
CA ARG D 114 -15.75 11.52 4.65
C ARG D 114 -16.71 12.21 5.61
N THR D 115 -16.89 11.67 6.80
CA THR D 115 -17.80 12.27 7.77
C THR D 115 -17.24 13.63 8.21
N VAL D 116 -18.12 14.47 8.74
CA VAL D 116 -17.72 15.78 9.24
C VAL D 116 -16.79 15.57 10.45
N ALA D 117 -15.72 16.39 10.54
CA ALA D 117 -14.77 16.33 11.64
C ALA D 117 -14.56 17.78 12.09
N ALA D 118 -14.85 18.11 13.34
CA ALA D 118 -14.64 19.49 13.79
C ALA D 118 -13.12 19.75 13.98
N PRO D 119 -12.64 20.98 13.72
CA PRO D 119 -11.22 21.27 14.02
C PRO D 119 -10.95 21.42 15.50
N SER D 120 -9.72 21.12 15.94
CA SER D 120 -9.25 21.54 17.26
C SER D 120 -8.60 22.88 16.90
N VAL D 121 -8.82 23.88 17.73
CA VAL D 121 -8.38 25.25 17.47
C VAL D 121 -7.37 25.70 18.50
N PHE D 122 -6.33 26.41 18.04
CA PHE D 122 -5.27 26.93 18.91
C PHE D 122 -4.87 28.31 18.44
N ILE D 123 -4.57 29.20 19.39
CA ILE D 123 -4.07 30.55 19.09
C ILE D 123 -2.64 30.68 19.65
N PHE D 124 -1.76 31.35 18.91
CA PHE D 124 -0.37 31.59 19.33
C PHE D 124 -0.08 33.08 19.28
N PRO D 125 0.31 33.66 20.43
CA PRO D 125 0.71 35.06 20.43
C PRO D 125 2.05 35.26 19.72
N PRO D 126 2.39 36.52 19.37
CA PRO D 126 3.72 36.75 18.77
C PRO D 126 4.78 36.54 19.85
N SER D 127 5.93 36.06 19.42
CA SER D 127 7.05 35.85 20.33
C SER D 127 7.70 37.20 20.69
N ASP D 128 8.38 37.27 21.86
CA ASP D 128 9.11 38.48 22.20
C ASP D 128 10.23 38.76 21.22
N GLU D 129 10.90 37.70 20.71
CA GLU D 129 11.97 37.87 19.72
C GLU D 129 11.46 38.56 18.47
N GLN D 130 10.27 38.15 17.98
CA GLN D 130 9.73 38.83 16.81
C GLN D 130 9.41 40.31 17.11
N LEU D 131 8.79 40.59 18.26
CA LEU D 131 8.40 41.97 18.63
C LEU D 131 9.58 42.94 18.60
N LYS D 132 10.77 42.47 19.00
CA LYS D 132 12.01 43.26 18.94
C LYS D 132 12.32 43.79 17.52
N SER D 133 11.83 43.12 16.45
CA SER D 133 12.04 43.50 15.05
C SER D 133 11.00 44.48 14.48
N GLY D 134 10.00 44.83 15.27
CA GLY D 134 8.98 45.78 14.84
C GLY D 134 7.68 45.22 14.29
N THR D 135 7.55 43.88 14.20
CA THR D 135 6.33 43.25 13.65
C THR D 135 5.78 42.18 14.60
N ALA D 136 4.46 41.96 14.58
CA ALA D 136 3.79 40.96 15.39
C ALA D 136 2.98 40.05 14.47
N SER D 137 3.23 38.74 14.52
CA SER D 137 2.40 37.78 13.79
C SER D 137 1.62 37.01 14.83
N VAL D 138 0.28 36.95 14.70
CA VAL D 138 -0.60 36.20 15.60
C VAL D 138 -1.11 35.04 14.75
N VAL D 139 -1.02 33.82 15.28
CA VAL D 139 -1.37 32.64 14.45
C VAL D 139 -2.52 31.89 15.04
N CYS D 140 -3.47 31.44 14.17
CA CYS D 140 -4.60 30.62 14.62
C CYS D 140 -4.52 29.34 13.82
N LEU D 141 -4.54 28.19 14.50
CA LEU D 141 -4.43 26.90 13.83
C LEU D 141 -5.72 26.15 13.98
N LEU D 142 -6.25 25.61 12.87
CA LEU D 142 -7.42 24.72 12.84
C LEU D 142 -6.85 23.35 12.44
N ASN D 143 -6.91 22.38 13.35
CA ASN D 143 -6.30 21.09 13.09
C ASN D 143 -7.29 19.97 12.78
N ASN D 144 -7.04 19.23 11.72
CA ASN D 144 -7.69 17.99 11.30
C ASN D 144 -9.19 18.08 11.21
N PHE D 145 -9.67 18.81 10.21
CA PHE D 145 -11.12 18.99 10.05
C PHE D 145 -11.61 18.59 8.69
N TYR D 146 -12.94 18.42 8.59
CA TYR D 146 -13.54 18.10 7.31
C TYR D 146 -15.01 18.50 7.39
N PRO D 147 -15.60 19.15 6.37
CA PRO D 147 -15.04 19.55 5.06
C PRO D 147 -14.10 20.76 5.12
N ARG D 148 -13.55 21.13 3.95
CA ARG D 148 -12.60 22.23 3.83
CA ARG D 148 -12.62 22.25 3.79
C ARG D 148 -13.18 23.60 4.27
N GLU D 149 -14.46 23.85 3.96
CA GLU D 149 -15.12 25.11 4.25
CA GLU D 149 -15.12 25.12 4.28
C GLU D 149 -15.01 25.48 5.75
N ALA D 150 -14.38 26.63 6.04
CA ALA D 150 -14.23 27.10 7.41
C ALA D 150 -14.11 28.60 7.39
N LYS D 151 -14.63 29.28 8.40
CA LYS D 151 -14.52 30.74 8.47
C LYS D 151 -13.69 31.06 9.71
N VAL D 152 -12.60 31.76 9.52
CA VAL D 152 -11.71 32.15 10.63
C VAL D 152 -11.78 33.68 10.70
N GLN D 153 -12.21 34.23 11.85
CA GLN D 153 -12.30 35.69 11.99
C GLN D 153 -11.40 36.15 13.13
N TRP D 154 -10.63 37.19 12.86
CA TRP D 154 -9.75 37.79 13.88
C TRP D 154 -10.43 38.99 14.50
N LYS D 155 -10.36 39.12 15.82
CA LYS D 155 -10.84 40.33 16.47
C LYS D 155 -9.75 40.87 17.37
N VAL D 156 -9.57 42.18 17.36
CA VAL D 156 -8.57 42.84 18.21
C VAL D 156 -9.39 43.89 18.96
N ASP D 157 -9.53 43.70 20.29
CA ASP D 157 -10.36 44.55 21.15
C ASP D 157 -11.71 44.82 20.48
N ASN D 158 -12.35 43.75 20.02
CA ASN D 158 -13.69 43.74 19.40
C ASN D 158 -13.77 44.16 17.97
N ALA D 159 -12.67 44.71 17.39
CA ALA D 159 -12.74 45.13 16.00
C ALA D 159 -12.41 43.94 15.12
N LEU D 160 -13.34 43.59 14.20
CA LEU D 160 -13.14 42.51 13.22
C LEU D 160 -12.01 42.96 12.30
N GLN D 161 -10.96 42.13 12.15
CA GLN D 161 -9.82 42.49 11.30
C GLN D 161 -10.04 41.98 9.90
N SER D 162 -9.81 42.84 8.91
CA SER D 162 -9.99 42.40 7.53
C SER D 162 -8.84 42.93 6.67
N GLY D 163 -8.30 42.11 5.79
CA GLY D 163 -7.24 42.55 4.87
C GLY D 163 -5.83 42.43 5.42
N ASN D 164 -5.69 42.06 6.69
CA ASN D 164 -4.36 41.99 7.34
C ASN D 164 -4.04 40.59 7.82
N SER D 165 -4.69 39.58 7.20
CA SER D 165 -4.41 38.17 7.56
C SER D 165 -4.31 37.36 6.28
N GLN D 166 -3.60 36.23 6.35
CA GLN D 166 -3.51 35.29 5.25
C GLN D 166 -3.64 33.90 5.80
N GLU D 167 -4.26 33.02 5.01
CA GLU D 167 -4.45 31.61 5.34
C GLU D 167 -3.68 30.72 4.44
N SER D 168 -3.36 29.53 4.96
CA SER D 168 -2.73 28.47 4.19
C SER D 168 -3.44 27.20 4.63
N VAL D 169 -3.71 26.27 3.68
CA VAL D 169 -4.43 25.02 3.99
CA VAL D 169 -4.41 25.01 3.98
C VAL D 169 -3.57 23.86 3.49
N THR D 170 -3.47 22.80 4.28
CA THR D 170 -2.70 21.65 3.84
C THR D 170 -3.54 20.87 2.83
N GLU D 171 -2.88 19.99 2.06
CA GLU D 171 -3.61 19.09 1.18
C GLU D 171 -4.31 18.09 2.09
N GLN D 172 -5.36 17.45 1.60
CA GLN D 172 -6.10 16.51 2.38
C GLN D 172 -5.20 15.33 2.84
N ASP D 173 -5.22 14.99 4.15
CA ASP D 173 -4.33 13.98 4.72
C ASP D 173 -4.55 12.60 4.08
N SER D 174 -3.46 11.87 3.73
CA SER D 174 -3.63 10.54 3.12
C SER D 174 -4.27 9.53 4.05
N LYS D 175 -4.10 9.67 5.36
CA LYS D 175 -4.60 8.70 6.33
C LYS D 175 -6.01 8.98 6.83
N ASP D 176 -6.26 10.19 7.34
CA ASP D 176 -7.59 10.48 7.93
C ASP D 176 -8.47 11.41 7.05
N SER D 177 -7.98 11.81 5.87
CA SER D 177 -8.73 12.59 4.88
C SER D 177 -9.23 13.95 5.42
N THR D 178 -8.50 14.53 6.37
CA THR D 178 -8.87 15.86 6.91
C THR D 178 -7.94 16.92 6.36
N TYR D 179 -8.26 18.19 6.64
CA TYR D 179 -7.43 19.33 6.25
C TYR D 179 -6.98 20.02 7.52
N SER D 180 -5.94 20.82 7.42
CA SER D 180 -5.57 21.69 8.55
C SER D 180 -5.34 23.05 7.94
N LEU D 181 -5.52 24.10 8.73
CA LEU D 181 -5.43 25.47 8.21
C LEU D 181 -4.71 26.35 9.22
N SER D 182 -3.90 27.27 8.72
CA SER D 182 -3.29 28.29 9.59
C SER D 182 -3.75 29.66 9.09
N SER D 183 -4.06 30.55 10.00
CA SER D 183 -4.38 31.94 9.64
C SER D 183 -3.40 32.80 10.41
N THR D 184 -2.70 33.70 9.73
CA THR D 184 -1.74 34.60 10.37
C THR D 184 -2.21 36.05 10.27
N LEU D 185 -2.35 36.70 11.41
CA LEU D 185 -2.72 38.11 11.50
C LEU D 185 -1.38 38.85 11.68
N THR D 186 -1.11 39.82 10.81
CA THR D 186 0.15 40.60 10.90
C THR D 186 -0.16 42.06 11.25
N LEU D 187 0.50 42.57 12.28
CA LEU D 187 0.32 43.96 12.74
C LEU D 187 1.69 44.51 13.01
N SER D 188 1.82 45.85 13.12
CA SER D 188 3.10 46.41 13.53
C SER D 188 3.25 46.19 15.05
N LYS D 189 4.49 46.22 15.60
CA LYS D 189 4.65 46.12 17.07
C LYS D 189 3.86 47.24 17.77
N ALA D 190 3.91 48.49 17.21
CA ALA D 190 3.19 49.63 17.81
C ALA D 190 1.68 49.40 17.86
N ASP D 191 1.07 48.82 16.78
CA ASP D 191 -0.35 48.52 16.79
C ASP D 191 -0.66 47.41 17.78
N TYR D 192 0.19 46.36 17.80
CA TYR D 192 0.00 45.25 18.72
C TYR D 192 -0.04 45.72 20.20
N GLU D 193 0.88 46.62 20.57
CA GLU D 193 1.00 47.08 21.96
C GLU D 193 -0.10 48.07 22.39
N LYS D 194 -0.90 48.54 21.43
CA LYS D 194 -2.01 49.46 21.73
C LYS D 194 -3.30 48.69 22.11
N HIS D 195 -3.30 47.35 21.97
CA HIS D 195 -4.51 46.56 22.21
C HIS D 195 -4.29 45.43 23.20
N LYS D 196 -5.37 44.94 23.80
CA LYS D 196 -5.30 43.90 24.81
C LYS D 196 -5.78 42.54 24.34
N VAL D 197 -7.02 42.45 23.88
CA VAL D 197 -7.66 41.20 23.58
C VAL D 197 -7.49 40.79 22.13
N TYR D 198 -6.83 39.65 21.92
CA TYR D 198 -6.61 39.08 20.59
C TYR D 198 -7.40 37.79 20.52
N ALA D 199 -8.26 37.64 19.52
CA ALA D 199 -9.08 36.46 19.43
C ALA D 199 -9.25 35.94 18.01
N CYS D 200 -9.31 34.62 17.89
CA CYS D 200 -9.56 33.95 16.62
C CYS D 200 -10.87 33.19 16.80
N GLU D 201 -11.88 33.48 15.96
CA GLU D 201 -13.14 32.78 16.07
C GLU D 201 -13.33 31.92 14.85
N VAL D 202 -13.61 30.64 15.09
CA VAL D 202 -13.73 29.65 14.05
C VAL D 202 -15.17 29.15 13.93
N THR D 203 -15.70 29.22 12.72
CA THR D 203 -17.02 28.70 12.32
C THR D 203 -16.79 27.50 11.40
N HIS D 204 -17.39 26.34 11.74
CA HIS D 204 -17.22 25.12 10.96
C HIS D 204 -18.42 24.25 11.18
N GLN D 205 -18.80 23.51 10.15
CA GLN D 205 -19.97 22.61 10.16
C GLN D 205 -19.94 21.63 11.33
N GLY D 206 -18.73 21.18 11.72
CA GLY D 206 -18.54 20.24 12.82
C GLY D 206 -18.69 20.80 14.22
N LEU D 207 -18.72 22.14 14.36
CA LEU D 207 -18.88 22.85 15.64
C LEU D 207 -20.36 23.25 15.79
N SER D 208 -20.97 22.93 16.94
CA SER D 208 -22.39 23.24 17.20
C SER D 208 -22.60 24.76 17.20
N SER D 209 -21.56 25.53 17.55
CA SER D 209 -21.53 26.99 17.47
C SER D 209 -20.04 27.39 17.43
N PRO D 210 -19.72 28.62 16.95
CA PRO D 210 -18.31 29.00 16.79
C PRO D 210 -17.47 28.93 18.04
N VAL D 211 -16.20 28.56 17.84
CA VAL D 211 -15.24 28.42 18.94
C VAL D 211 -14.31 29.61 18.84
N THR D 212 -14.03 30.24 19.98
CA THR D 212 -13.10 31.37 20.04
C THR D 212 -11.92 30.95 20.93
N LYS D 213 -10.71 31.26 20.46
CA LYS D 213 -9.50 31.09 21.26
C LYS D 213 -8.92 32.48 21.34
N SER D 214 -8.56 32.91 22.57
CA SER D 214 -8.05 34.26 22.74
C SER D 214 -6.95 34.33 23.79
N PHE D 215 -6.29 35.49 23.83
CA PHE D 215 -5.31 35.81 24.86
C PHE D 215 -5.34 37.28 25.08
N ASN D 216 -4.87 37.72 26.25
CA ASN D 216 -4.70 39.12 26.58
C ASN D 216 -3.22 39.36 26.50
N ARG D 217 -2.84 40.38 25.73
CA ARG D 217 -1.45 40.74 25.54
C ARG D 217 -0.81 40.99 26.91
N GLY D 218 0.31 40.32 27.14
CA GLY D 218 1.09 40.44 28.37
C GLY D 218 0.50 39.83 29.63
N GLU D 219 -0.32 38.78 29.49
CA GLU D 219 -0.94 38.07 30.61
C GLU D 219 -0.50 36.63 30.68
CA CA E . -21.53 -19.29 2.52
CA CA F . -6.11 -2.55 -5.53
C1 57S G . -27.32 -17.02 19.99
C2 57S G . -26.07 -16.80 19.10
C5 57S G . -26.19 -18.60 21.43
C3 57S G . -25.15 -18.05 19.16
C4 57S G . -24.87 -18.46 20.63
C8 57S G . -27.31 -15.19 15.84
C7 57S G . -26.67 -15.34 17.19
O7 57S G . -26.22 -14.34 17.75
N2 57S G . -26.61 -16.56 17.75
O5 57S G . -26.94 -17.38 21.33
O1 57S G . -28.13 -15.84 19.97
C17 57S G . -29.55 -16.01 20.13
C19 57S G . -30.16 -16.25 18.76
O20 57S G . -29.94 -15.07 18.00
P21 57S G . -31.05 -14.60 16.95
O22 57S G . -30.68 -13.30 16.34
O23 57S G . -31.15 -15.77 15.83
O24 57S G . -32.46 -14.51 17.71
C25 57S G . -30.15 -14.70 20.69
C27 57S G . -29.44 -14.21 21.94
C29 57S G . -29.46 -15.23 23.08
O30 57S G . -28.11 -15.45 23.50
O31 57S G . -30.10 -13.01 22.33
O32 57S G . -31.57 -14.78 20.90
C6 57S G . -25.93 -18.93 22.90
O6 57S G . -27.17 -19.37 23.50
O4 57S G . -24.19 -19.71 20.68
O3 57S G . -23.93 -17.73 18.49
CA CA H . 1.26 20.55 -21.76
C ACT I . 12.55 20.82 28.13
O ACT I . 11.63 21.66 28.03
OXT ACT I . 13.77 21.08 28.24
CH3 ACT I . 12.16 19.33 28.11
C1 GOL J . 11.63 30.77 22.73
O1 GOL J . 12.76 31.39 22.15
C2 GOL J . 11.67 29.28 22.45
O2 GOL J . 11.72 29.07 21.04
C3 GOL J . 10.61 28.41 23.07
O3 GOL J . 9.31 28.62 22.52
CA CA K . -10.62 38.31 10.20
C ACT L . -0.98 15.91 5.43
O ACT L . -1.71 16.07 6.45
OXT ACT L . -1.14 16.43 4.31
CH3 ACT L . 0.26 15.01 5.65
C1 57S M . 9.42 4.87 -27.80
C2 57S M . 8.77 5.51 -26.57
C5 57S M . 11.64 4.74 -26.77
C3 57S M . 9.85 6.18 -25.68
C4 57S M . 11.07 5.26 -25.44
C8 57S M . 5.51 7.23 -27.75
C7 57S M . 6.43 6.20 -27.15
O7 57S M . 5.91 5.18 -26.74
N2 57S M . 7.76 6.46 -27.07
O5 57S M . 10.59 4.10 -27.50
O1 57S M . 8.45 4.06 -28.47
C17 57S M . 8.65 3.99 -29.88
C19 57S M . 8.10 5.27 -30.53
O20 57S M . 6.69 5.41 -30.41
P21 57S M . 5.86 6.19 -31.54
O22 57S M . 6.24 7.62 -31.55
O23 57S M . 6.20 5.53 -32.98
O24 57S M . 4.29 6.04 -31.24
C25 57S M . 8.13 2.70 -30.54
C27 57S M . 8.46 1.33 -29.88
C29 57S M . 9.79 1.23 -29.10
O30 57S M . 10.04 -0.13 -28.74
O31 57S M . 8.47 0.30 -30.88
O32 57S M . 8.57 2.71 -31.91
C6 57S M . 12.74 3.70 -26.52
O6 57S M . 13.03 3.00 -27.74
O4 57S M . 12.09 5.92 -24.69
O3 57S M . 9.23 6.42 -24.42
#